data_8J3P
#
_entry.id   8J3P
#
_cell.length_a   65.216
_cell.length_b   113.022
_cell.length_c   401.288
_cell.angle_alpha   90.00
_cell.angle_beta   90.00
_cell.angle_gamma   90.00
#
_symmetry.space_group_name_H-M   'C 2 2 21'
#
loop_
_entity.id
_entity.type
_entity.pdbx_description
1 polymer 'Formate dehydrogenase'
2 non-polymer 'NADP NICOTINAMIDE-ADENINE-DINUCLEOTIDE PHOSPHATE'
3 water water
#
_entity_poly.entity_id   1
_entity_poly.type   'polypeptide(L)'
_entity_poly.pdbx_seq_one_letter_code
;MGHHHHHHMGKPKVLMALYSGGKLAKEEPRLLGTVENELGIRKLVEEHGYELVTTADKDPFPSSTFDKNLPDAEIIITTP
FFPAYVTKERIAKAPKLKLCVTAGVGSDHYDLNALNERGIAVLEVTGSNVQSVAEHAIMTMLILLRNYGEGHAQATQGTW
DIAAVARDEFDMEDRVFATIGAGRIGYRILERLIAFNPKKLLYYQRNPLPEEAINKLNAASKLFNGVDNIIERVENLEDL
VSQADVVTLNCPLYEKSKGMFNKELISKMKKGSYVINTARGALTDPQAIADAVNSGHIAYGGDVWPVQPAPKDMPWRTMH
NPYGKDYGNAMTVHVSGTSLDAQARYANGVKQILTEYFDKTYKYRPQDVICIDGHYATTSYG
;
_entity_poly.pdbx_strand_id   A,B,C
#
loop_
_chem_comp.id
_chem_comp.type
_chem_comp.name
_chem_comp.formula
NAP non-polymer 'NADP NICOTINAMIDE-ADENINE-DINUCLEOTIDE PHOSPHATE' 'C21 H28 N7 O17 P3'
#
# COMPACT_ATOMS: atom_id res chain seq x y z
N MET A 9 -6.98 4.32 -34.10
CA MET A 9 -8.12 4.77 -33.30
C MET A 9 -9.34 3.89 -33.52
N GLY A 10 -9.12 2.70 -34.07
CA GLY A 10 -10.18 1.73 -34.24
C GLY A 10 -10.47 0.99 -32.95
N LYS A 11 -11.27 -0.08 -33.09
CA LYS A 11 -11.51 -0.98 -31.98
C LYS A 11 -10.19 -1.60 -31.51
N PRO A 12 -10.15 -2.09 -30.27
CA PRO A 12 -8.95 -2.82 -29.82
C PRO A 12 -8.91 -4.22 -30.41
N LYS A 13 -7.71 -4.64 -30.78
CA LYS A 13 -7.51 -5.82 -31.62
C LYS A 13 -7.06 -7.02 -30.79
N VAL A 14 -7.67 -8.16 -31.03
CA VAL A 14 -7.14 -9.46 -30.59
C VAL A 14 -6.49 -10.10 -31.81
N LEU A 15 -5.18 -10.31 -31.74
CA LEU A 15 -4.40 -10.85 -32.85
C LEU A 15 -4.04 -12.29 -32.54
N MET A 16 -4.62 -13.22 -33.30
CA MET A 16 -4.48 -14.66 -33.05
C MET A 16 -3.80 -15.32 -34.24
N ALA A 17 -2.74 -16.08 -33.97
CA ALA A 17 -2.00 -16.82 -34.99
C ALA A 17 -2.14 -18.32 -34.72
N LEU A 18 -2.85 -19.01 -35.60
CA LEU A 18 -3.04 -20.46 -35.52
C LEU A 18 -2.66 -21.08 -36.85
N TYR A 19 -2.52 -22.40 -36.86
CA TYR A 19 -2.32 -23.07 -38.14
C TYR A 19 -3.64 -23.21 -38.88
N SER A 20 -3.55 -23.37 -40.19
CA SER A 20 -4.72 -23.46 -41.05
C SER A 20 -5.06 -24.92 -41.33
N GLY A 21 -6.35 -25.22 -41.37
CA GLY A 21 -6.80 -26.57 -41.67
C GLY A 21 -7.70 -26.66 -42.88
N GLY A 22 -7.91 -25.52 -43.56
CA GLY A 22 -8.71 -25.46 -44.77
C GLY A 22 -10.03 -26.20 -44.74
N LYS A 23 -10.28 -27.00 -45.79
CA LYS A 23 -11.54 -27.74 -45.89
C LYS A 23 -11.69 -28.75 -44.77
N LEU A 24 -10.57 -29.32 -44.30
CA LEU A 24 -10.62 -30.23 -43.15
C LEU A 24 -11.26 -29.54 -41.94
N ALA A 25 -10.75 -28.37 -41.58
CA ALA A 25 -11.26 -27.68 -40.40
C ALA A 25 -12.68 -27.16 -40.62
N LYS A 26 -13.01 -26.74 -41.84
CA LYS A 26 -14.36 -26.26 -42.13
C LYS A 26 -15.39 -27.37 -41.96
N GLU A 27 -14.98 -28.63 -42.13
CA GLU A 27 -15.89 -29.76 -42.01
C GLU A 27 -15.71 -30.54 -40.72
N GLU A 28 -14.68 -30.25 -39.95
CA GLU A 28 -14.46 -30.89 -38.64
C GLU A 28 -14.49 -29.82 -37.56
N PRO A 29 -15.61 -29.62 -36.88
CA PRO A 29 -15.67 -28.56 -35.85
C PRO A 29 -14.79 -28.85 -34.65
N ARG A 30 -14.32 -30.09 -34.46
CA ARG A 30 -13.43 -30.39 -33.34
C ARG A 30 -12.04 -29.82 -33.57
N LEU A 31 -11.69 -29.44 -34.79
CA LEU A 31 -10.42 -28.78 -35.08
C LEU A 31 -10.48 -27.31 -34.67
N LEU A 32 -10.64 -27.09 -33.36
CA LEU A 32 -10.81 -25.75 -32.83
C LEU A 32 -9.52 -24.93 -32.89
N GLY A 33 -8.37 -25.58 -32.92
CA GLY A 33 -7.11 -24.87 -32.89
C GLY A 33 -6.68 -24.35 -34.26
N THR A 34 -7.63 -24.18 -35.17
CA THR A 34 -7.36 -23.76 -36.53
C THR A 34 -7.88 -22.35 -36.77
N VAL A 35 -7.24 -21.66 -37.73
CA VAL A 35 -7.74 -20.37 -38.19
C VAL A 35 -9.22 -20.45 -38.55
N GLU A 36 -9.62 -21.55 -39.19
CA GLU A 36 -11.01 -21.68 -39.63
C GLU A 36 -11.99 -21.63 -38.47
N ASN A 37 -11.66 -22.28 -37.35
CA ASN A 37 -12.61 -22.41 -36.25
C ASN A 37 -12.32 -21.49 -35.07
N GLU A 38 -11.13 -20.88 -35.02
CA GLU A 38 -10.85 -19.74 -34.14
C GLU A 38 -11.07 -20.05 -32.66
N LEU A 39 -10.92 -21.31 -32.25
CA LEU A 39 -11.06 -21.74 -30.86
C LEU A 39 -12.46 -21.48 -30.30
N GLY A 40 -13.40 -21.04 -31.13
CA GLY A 40 -14.73 -20.75 -30.65
C GLY A 40 -14.86 -19.48 -29.85
N ILE A 41 -13.90 -18.56 -29.96
CA ILE A 41 -13.82 -17.38 -29.09
C ILE A 41 -14.22 -16.10 -29.82
N ARG A 42 -14.82 -16.20 -31.00
CA ARG A 42 -15.15 -14.98 -31.74
C ARG A 42 -16.30 -14.23 -31.10
N LYS A 43 -17.37 -14.95 -30.74
CA LYS A 43 -18.52 -14.31 -30.09
C LYS A 43 -18.09 -13.54 -28.84
N LEU A 44 -17.31 -14.19 -27.97
CA LEU A 44 -16.85 -13.54 -26.75
C LEU A 44 -16.04 -12.29 -27.06
N VAL A 45 -15.11 -12.38 -28.00
CA VAL A 45 -14.24 -11.25 -28.32
C VAL A 45 -15.05 -10.08 -28.87
N GLU A 46 -16.11 -10.36 -29.62
CA GLU A 46 -16.92 -9.29 -30.19
C GLU A 46 -17.97 -8.78 -29.22
N GLU A 47 -18.48 -9.65 -28.35
CA GLU A 47 -19.37 -9.21 -27.27
C GLU A 47 -18.77 -8.06 -26.47
N HIS A 48 -17.45 -8.02 -26.35
CA HIS A 48 -16.76 -7.02 -25.54
C HIS A 48 -16.12 -5.92 -26.38
N GLY A 49 -16.57 -5.74 -27.62
CA GLY A 49 -16.10 -4.64 -28.44
C GLY A 49 -14.69 -4.76 -28.96
N TYR A 50 -14.21 -5.98 -29.20
CA TYR A 50 -12.87 -6.20 -29.72
C TYR A 50 -12.95 -6.75 -31.15
N GLU A 51 -11.93 -6.43 -31.93
CA GLU A 51 -11.79 -6.93 -33.30
C GLU A 51 -10.87 -8.15 -33.28
N LEU A 52 -11.38 -9.29 -33.74
CA LEU A 52 -10.62 -10.53 -33.78
C LEU A 52 -9.97 -10.68 -35.15
N VAL A 53 -8.64 -10.67 -35.17
CA VAL A 53 -7.86 -10.89 -36.39
C VAL A 53 -7.15 -12.23 -36.25
N THR A 54 -7.62 -13.23 -36.99
CA THR A 54 -7.03 -14.55 -37.01
C THR A 54 -6.29 -14.77 -38.33
N THR A 55 -5.08 -15.32 -38.26
CA THR A 55 -4.25 -15.48 -39.43
C THR A 55 -3.27 -16.63 -39.23
N ALA A 56 -3.00 -17.36 -40.31
CA ALA A 56 -1.90 -18.31 -40.36
C ALA A 56 -0.65 -17.72 -41.00
N ASP A 57 -0.70 -16.45 -41.40
CA ASP A 57 0.41 -15.80 -42.09
C ASP A 57 1.28 -15.14 -41.01
N LYS A 58 2.26 -15.90 -40.52
CA LYS A 58 3.01 -15.51 -39.34
C LYS A 58 4.48 -15.22 -39.59
N ASP A 59 5.00 -15.55 -40.78
CA ASP A 59 6.43 -15.33 -41.00
C ASP A 59 6.65 -14.40 -42.19
N PRO A 60 7.83 -14.41 -42.82
CA PRO A 60 8.49 -13.14 -43.15
C PRO A 60 8.12 -12.01 -42.21
N PHE A 61 8.97 -11.81 -41.19
CA PHE A 61 9.01 -10.54 -40.47
C PHE A 61 9.79 -9.52 -41.31
N PRO A 62 9.31 -8.28 -41.41
CA PRO A 62 8.13 -7.69 -40.78
C PRO A 62 6.92 -7.58 -41.69
N SER A 63 6.83 -8.38 -42.76
CA SER A 63 5.81 -8.19 -43.78
C SER A 63 4.56 -9.04 -43.57
N SER A 64 4.55 -9.95 -42.61
CA SER A 64 3.43 -10.87 -42.46
C SER A 64 2.15 -10.13 -42.06
N THR A 65 1.02 -10.78 -42.34
CA THR A 65 -0.26 -10.34 -41.79
C THR A 65 -0.16 -10.17 -40.28
N PHE A 66 0.53 -11.08 -39.62
CA PHE A 66 0.72 -10.99 -38.16
C PHE A 66 1.44 -9.70 -37.78
N ASP A 67 2.59 -9.44 -38.40
CA ASP A 67 3.35 -8.23 -38.10
C ASP A 67 2.53 -6.98 -38.36
N LYS A 68 1.81 -6.94 -39.48
CA LYS A 68 1.09 -5.73 -39.88
C LYS A 68 -0.06 -5.38 -38.92
N ASN A 69 -0.51 -6.34 -38.11
CA ASN A 69 -1.57 -6.09 -37.13
C ASN A 69 -1.03 -5.96 -35.72
N LEU A 70 0.30 -5.92 -35.55
CA LEU A 70 0.88 -5.67 -34.23
C LEU A 70 0.57 -4.29 -33.66
N PRO A 71 0.59 -3.19 -34.43
CA PRO A 71 0.49 -1.86 -33.78
C PRO A 71 -0.75 -1.64 -32.95
N ASP A 72 -1.85 -2.35 -33.22
CA ASP A 72 -3.07 -2.19 -32.44
C ASP A 72 -3.45 -3.45 -31.68
N ALA A 73 -2.55 -4.41 -31.58
CA ALA A 73 -2.83 -5.65 -30.86
C ALA A 73 -2.79 -5.40 -29.36
N GLU A 74 -3.92 -5.62 -28.68
CA GLU A 74 -3.98 -5.59 -27.24
C GLU A 74 -3.75 -6.98 -26.65
N ILE A 75 -4.44 -7.98 -27.19
CA ILE A 75 -4.26 -9.38 -26.82
C ILE A 75 -3.65 -10.11 -28.01
N ILE A 76 -2.62 -10.90 -27.76
CA ILE A 76 -2.02 -11.78 -28.76
C ILE A 76 -2.26 -13.22 -28.31
N ILE A 77 -2.79 -14.03 -29.22
CA ILE A 77 -2.99 -15.46 -28.98
C ILE A 77 -2.14 -16.24 -29.97
N THR A 78 -1.32 -17.15 -29.46
CA THR A 78 -0.48 -18.01 -30.28
C THR A 78 -0.83 -19.47 -29.98
N THR A 79 -0.08 -20.38 -30.61
CA THR A 79 -0.23 -21.81 -30.40
C THR A 79 1.13 -22.43 -30.69
N PRO A 80 1.58 -23.37 -29.87
CA PRO A 80 2.97 -23.83 -30.00
C PRO A 80 3.22 -24.68 -31.22
N PHE A 81 2.21 -25.40 -31.71
CA PHE A 81 2.39 -26.28 -32.86
C PHE A 81 2.66 -25.50 -34.15
N PHE A 82 2.27 -24.23 -34.19
CA PHE A 82 2.53 -23.36 -35.34
C PHE A 82 2.71 -21.95 -34.80
N PRO A 83 3.89 -21.64 -34.28
CA PRO A 83 4.02 -20.51 -33.35
C PRO A 83 4.51 -19.22 -33.97
N ALA A 84 3.75 -18.14 -33.78
CA ALA A 84 4.24 -16.81 -34.08
C ALA A 84 5.27 -16.42 -33.02
N TYR A 85 6.50 -16.17 -33.46
CA TYR A 85 7.60 -15.88 -32.53
C TYR A 85 7.51 -14.42 -32.11
N VAL A 86 7.03 -14.21 -30.88
CA VAL A 86 6.80 -12.85 -30.37
C VAL A 86 8.13 -12.38 -29.79
N THR A 87 8.99 -11.88 -30.66
CA THR A 87 10.33 -11.46 -30.30
C THR A 87 10.33 -10.02 -29.77
N LYS A 88 11.47 -9.62 -29.21
CA LYS A 88 11.64 -8.26 -28.71
C LYS A 88 11.33 -7.23 -29.79
N GLU A 89 11.86 -7.45 -30.99
CA GLU A 89 11.60 -6.53 -32.10
C GLU A 89 10.10 -6.38 -32.36
N ARG A 90 9.36 -7.49 -32.32
CA ARG A 90 7.92 -7.43 -32.56
C ARG A 90 7.18 -6.82 -31.38
N ILE A 91 7.62 -7.13 -30.17
CA ILE A 91 7.00 -6.50 -28.99
C ILE A 91 7.23 -5.01 -29.05
N ALA A 92 8.35 -4.59 -29.61
CA ALA A 92 8.63 -3.15 -29.67
C ALA A 92 7.70 -2.42 -30.62
N LYS A 93 7.04 -3.08 -31.57
CA LYS A 93 6.06 -2.26 -32.25
C LYS A 93 4.63 -2.72 -32.00
N ALA A 94 4.35 -3.29 -30.82
CA ALA A 94 3.00 -3.58 -30.35
C ALA A 94 2.82 -2.72 -29.11
N PRO A 95 2.61 -1.42 -29.27
CA PRO A 95 2.70 -0.50 -28.12
C PRO A 95 1.55 -0.63 -27.14
N LYS A 96 0.43 -1.23 -27.52
CA LYS A 96 -0.71 -1.38 -26.61
C LYS A 96 -0.96 -2.85 -26.25
N LEU A 97 0.03 -3.71 -26.47
CA LEU A 97 -0.07 -5.09 -26.03
C LEU A 97 -0.24 -5.15 -24.52
N LYS A 98 -1.24 -5.89 -24.07
CA LYS A 98 -1.48 -6.12 -22.65
C LYS A 98 -1.36 -7.58 -22.23
N LEU A 99 -1.68 -8.51 -23.11
CA LEU A 99 -1.82 -9.91 -22.72
C LEU A 99 -1.41 -10.82 -23.88
N CYS A 100 -0.67 -11.87 -23.56
CA CYS A 100 -0.36 -12.94 -24.49
C CYS A 100 -0.87 -14.25 -23.93
N VAL A 101 -1.63 -14.99 -24.74
CA VAL A 101 -2.22 -16.26 -24.34
C VAL A 101 -1.76 -17.35 -25.30
N THR A 102 -1.31 -18.47 -24.77
CA THR A 102 -0.89 -19.60 -25.57
C THR A 102 -2.03 -20.61 -25.66
N ALA A 103 -2.50 -20.89 -26.88
CA ALA A 103 -3.53 -21.89 -27.10
C ALA A 103 -2.87 -23.26 -27.00
N GLY A 104 -2.68 -23.70 -25.75
CA GLY A 104 -1.97 -24.93 -25.47
C GLY A 104 -1.01 -24.78 -24.31
N VAL A 105 0.11 -25.50 -24.35
CA VAL A 105 1.12 -25.46 -23.29
C VAL A 105 2.49 -25.34 -23.94
N GLY A 106 3.31 -24.42 -23.44
CA GLY A 106 4.62 -24.18 -24.00
C GLY A 106 4.73 -22.80 -24.59
N SER A 107 5.47 -21.90 -23.93
CA SER A 107 5.49 -20.50 -24.28
C SER A 107 6.91 -19.99 -24.55
N ASP A 108 7.82 -20.88 -24.93
CA ASP A 108 9.19 -20.47 -25.23
C ASP A 108 9.28 -19.56 -26.45
N HIS A 109 8.25 -19.51 -27.28
CA HIS A 109 8.28 -18.69 -28.49
C HIS A 109 7.97 -17.22 -28.22
N TYR A 110 7.68 -16.84 -26.98
CA TYR A 110 7.68 -15.43 -26.61
C TYR A 110 9.05 -15.06 -26.05
N ASP A 111 9.38 -13.77 -26.16
CA ASP A 111 10.51 -13.21 -25.41
C ASP A 111 9.94 -12.82 -24.06
N LEU A 112 9.92 -13.78 -23.13
CA LEU A 112 9.29 -13.57 -21.84
C LEU A 112 9.96 -12.46 -21.05
N ASN A 113 11.26 -12.26 -21.24
CA ASN A 113 11.95 -11.19 -20.52
C ASN A 113 11.50 -9.83 -21.02
N ALA A 114 11.45 -9.64 -22.34
CA ALA A 114 10.97 -8.38 -22.90
C ALA A 114 9.52 -8.11 -22.53
N LEU A 115 8.73 -9.17 -22.35
CA LEU A 115 7.33 -8.99 -21.96
C LEU A 115 7.24 -8.53 -20.51
N ASN A 116 8.09 -9.07 -19.64
CA ASN A 116 8.13 -8.62 -18.24
C ASN A 116 8.50 -7.15 -18.15
N GLU A 117 9.51 -6.73 -18.92
CA GLU A 117 9.94 -5.34 -18.92
C GLU A 117 8.82 -4.38 -19.31
N ARG A 118 7.77 -4.88 -19.95
CA ARG A 118 6.62 -4.06 -20.33
C ARG A 118 5.40 -4.33 -19.46
N GLY A 119 5.52 -5.17 -18.44
CA GLY A 119 4.38 -5.52 -17.63
C GLY A 119 3.37 -6.42 -18.32
N ILE A 120 3.76 -7.08 -19.40
CA ILE A 120 2.84 -7.91 -20.16
C ILE A 120 2.50 -9.17 -19.38
N ALA A 121 1.22 -9.52 -19.35
CA ALA A 121 0.77 -10.79 -18.76
C ALA A 121 0.83 -11.89 -19.81
N VAL A 122 1.28 -13.07 -19.38
CA VAL A 122 1.49 -14.21 -20.27
C VAL A 122 0.83 -15.42 -19.62
N LEU A 123 -0.13 -16.04 -20.32
CA LEU A 123 -0.90 -17.15 -19.79
C LEU A 123 -0.82 -18.35 -20.71
N GLU A 124 -0.93 -19.54 -20.10
CA GLU A 124 -1.03 -20.81 -20.81
C GLU A 124 -2.27 -21.54 -20.31
N VAL A 125 -2.63 -22.62 -21.02
CA VAL A 125 -3.66 -23.53 -20.51
C VAL A 125 -2.94 -24.72 -19.89
N THR A 126 -2.16 -24.47 -18.83
CA THR A 126 -1.42 -25.49 -18.11
C THR A 126 -2.28 -26.73 -17.84
N GLY A 127 -1.75 -27.89 -18.20
CA GLY A 127 -2.41 -29.15 -17.93
C GLY A 127 -3.37 -29.64 -19.00
N SER A 128 -3.59 -28.86 -20.06
CA SER A 128 -4.53 -29.27 -21.09
C SER A 128 -4.05 -30.45 -21.90
N ASN A 129 -2.73 -30.67 -21.99
CA ASN A 129 -2.18 -31.72 -22.84
C ASN A 129 -1.19 -32.63 -22.11
N VAL A 130 -1.14 -32.59 -20.78
CA VAL A 130 -0.12 -33.36 -20.06
C VAL A 130 -0.26 -34.86 -20.34
N GLN A 131 -1.50 -35.37 -20.35
CA GLN A 131 -1.71 -36.77 -20.66
C GLN A 131 -1.41 -37.07 -22.14
N SER A 132 -1.68 -36.12 -23.03
CA SER A 132 -1.53 -36.37 -24.46
C SER A 132 -0.06 -36.53 -24.84
N VAL A 133 0.80 -35.67 -24.29
CA VAL A 133 2.22 -35.76 -24.57
C VAL A 133 2.82 -37.01 -23.93
N ALA A 134 2.39 -37.34 -22.72
CA ALA A 134 2.88 -38.55 -22.05
C ALA A 134 2.57 -39.79 -22.88
N GLU A 135 1.38 -39.84 -23.48
CA GLU A 135 1.07 -40.93 -24.40
C GLU A 135 2.01 -40.91 -25.60
N HIS A 136 2.34 -39.72 -26.10
CA HIS A 136 3.22 -39.61 -27.26
C HIS A 136 4.63 -40.06 -26.93
N ALA A 137 5.12 -39.73 -25.73
CA ALA A 137 6.46 -40.16 -25.33
C ALA A 137 6.53 -41.67 -25.19
N ILE A 138 5.49 -42.28 -24.60
CA ILE A 138 5.46 -43.73 -24.46
C ILE A 138 5.40 -44.39 -25.84
N MET A 139 4.53 -43.87 -26.72
CA MET A 139 4.46 -44.38 -28.09
C MET A 139 5.81 -44.31 -28.78
N THR A 140 6.52 -43.20 -28.61
CA THR A 140 7.84 -43.05 -29.23
C THR A 140 8.82 -44.09 -28.71
N MET A 141 8.89 -44.23 -27.38
CA MET A 141 9.71 -45.29 -26.76
C MET A 141 9.42 -46.65 -27.39
N LEU A 142 8.15 -47.04 -27.39
CA LEU A 142 7.77 -48.35 -27.93
C LEU A 142 8.16 -48.48 -29.40
N ILE A 143 8.03 -47.40 -30.16
CA ILE A 143 8.32 -47.46 -31.59
C ILE A 143 9.80 -47.68 -31.84
N LEU A 144 10.66 -46.99 -31.08
CA LEU A 144 12.10 -47.11 -31.29
C LEU A 144 12.65 -48.42 -30.76
N LEU A 145 12.37 -48.72 -29.48
CA LEU A 145 12.85 -49.96 -28.87
C LEU A 145 12.45 -51.18 -29.68
N ARG A 146 11.18 -51.26 -30.07
CA ARG A 146 10.66 -52.45 -30.74
C ARG A 146 10.87 -52.43 -32.25
N ASN A 147 11.53 -51.40 -32.79
CA ASN A 147 11.86 -51.33 -34.21
C ASN A 147 10.60 -51.40 -35.08
N TYR A 148 9.62 -50.55 -34.76
CA TYR A 148 8.40 -50.50 -35.55
C TYR A 148 8.67 -50.05 -36.98
N GLY A 149 9.63 -49.13 -37.15
CA GLY A 149 9.90 -48.59 -38.47
C GLY A 149 10.22 -49.65 -39.50
N GLU A 150 11.18 -50.52 -39.19
CA GLU A 150 11.51 -51.61 -40.11
C GLU A 150 10.44 -52.68 -40.12
N GLY A 151 9.80 -52.94 -38.98
CA GLY A 151 8.70 -53.90 -38.95
C GLY A 151 7.54 -53.45 -39.82
N HIS A 152 7.22 -52.16 -39.79
CA HIS A 152 6.18 -51.63 -40.68
C HIS A 152 6.66 -51.58 -42.12
N ALA A 153 7.94 -51.25 -42.32
CA ALA A 153 8.48 -51.16 -43.67
C ALA A 153 8.43 -52.51 -44.37
N GLN A 154 8.89 -53.57 -43.68
CA GLN A 154 8.86 -54.91 -44.25
C GLN A 154 7.46 -55.28 -44.73
N ALA A 155 6.45 -54.98 -43.91
CA ALA A 155 5.06 -55.26 -44.32
C ALA A 155 4.65 -54.37 -45.48
N THR A 156 5.13 -53.12 -45.50
CA THR A 156 4.69 -52.19 -46.54
C THR A 156 5.32 -52.53 -47.89
N GLN A 157 6.60 -52.86 -47.93
CA GLN A 157 7.31 -53.08 -49.19
C GLN A 157 7.38 -54.55 -49.57
N GLY A 158 6.41 -55.35 -49.13
CA GLY A 158 6.16 -56.65 -49.73
C GLY A 158 7.07 -57.78 -49.32
N THR A 159 7.94 -57.61 -48.33
CA THR A 159 8.91 -58.64 -48.00
C THR A 159 8.58 -59.31 -46.67
N TRP A 160 9.55 -60.02 -46.11
CA TRP A 160 9.36 -60.78 -44.88
C TRP A 160 10.72 -61.11 -44.25
N ASP A 161 11.50 -60.08 -43.92
CA ASP A 161 12.84 -60.25 -43.38
C ASP A 161 12.77 -60.10 -41.86
N ILE A 162 12.38 -61.21 -41.20
CA ILE A 162 12.20 -61.20 -39.75
C ILE A 162 13.48 -60.77 -39.04
N ALA A 163 14.62 -61.28 -39.49
CA ALA A 163 15.88 -61.03 -38.79
C ALA A 163 16.28 -59.56 -38.85
N ALA A 164 15.96 -58.87 -39.95
CA ALA A 164 16.29 -57.46 -40.04
C ALA A 164 15.56 -56.65 -38.97
N VAL A 165 14.30 -57.01 -38.70
CA VAL A 165 13.56 -56.34 -37.63
C VAL A 165 14.10 -56.74 -36.27
N ALA A 166 14.21 -58.04 -36.02
CA ALA A 166 14.54 -58.53 -34.68
C ALA A 166 15.96 -58.15 -34.26
N ARG A 167 16.86 -57.92 -35.22
CA ARG A 167 18.24 -57.59 -34.90
C ARG A 167 18.35 -56.32 -34.08
N ASP A 168 17.33 -55.44 -34.13
CA ASP A 168 17.31 -54.20 -33.38
C ASP A 168 15.99 -54.05 -32.62
N GLU A 169 15.43 -55.15 -32.14
CA GLU A 169 14.10 -55.16 -31.53
C GLU A 169 14.23 -55.62 -30.08
N PHE A 170 13.98 -54.70 -29.14
CA PHE A 170 14.06 -54.98 -27.71
C PHE A 170 12.73 -54.73 -27.03
N ASP A 171 12.52 -55.42 -25.91
CA ASP A 171 11.35 -55.19 -25.07
C ASP A 171 11.52 -53.91 -24.26
N MET A 172 10.39 -53.35 -23.83
CA MET A 172 10.43 -52.30 -22.81
C MET A 172 10.83 -52.88 -21.46
N GLU A 173 10.30 -54.06 -21.12
CA GLU A 173 10.65 -54.76 -19.89
C GLU A 173 12.16 -54.79 -19.66
N ASP A 174 12.55 -54.57 -18.40
CA ASP A 174 13.91 -54.73 -17.91
C ASP A 174 14.86 -53.66 -18.46
N ARG A 175 14.35 -52.64 -19.13
CA ARG A 175 15.15 -51.50 -19.52
C ARG A 175 15.14 -50.45 -18.42
N VAL A 176 16.14 -49.57 -18.45
CA VAL A 176 16.26 -48.46 -17.51
C VAL A 176 15.79 -47.19 -18.20
N PHE A 177 14.77 -46.56 -17.64
CA PHE A 177 14.20 -45.33 -18.18
C PHE A 177 14.56 -44.18 -17.25
N ALA A 178 15.10 -43.11 -17.83
CA ALA A 178 15.49 -41.92 -17.09
C ALA A 178 14.80 -40.70 -17.70
N THR A 179 14.32 -39.80 -16.85
CA THR A 179 13.61 -38.61 -17.30
C THR A 179 14.31 -37.36 -16.77
N ILE A 180 14.58 -36.42 -17.66
CA ILE A 180 15.10 -35.11 -17.27
C ILE A 180 13.86 -34.22 -17.08
N GLY A 181 13.38 -34.17 -15.84
CA GLY A 181 12.15 -33.47 -15.53
C GLY A 181 11.03 -34.43 -15.14
N ALA A 182 10.58 -34.32 -13.90
CA ALA A 182 9.50 -35.14 -13.36
C ALA A 182 8.31 -34.27 -12.99
N GLY A 183 8.00 -33.30 -13.84
CA GLY A 183 6.83 -32.46 -13.68
C GLY A 183 5.57 -33.19 -14.08
N ARG A 184 4.57 -32.43 -14.54
CA ARG A 184 3.27 -33.02 -14.84
C ARG A 184 3.39 -34.08 -15.94
N ILE A 185 4.20 -33.79 -16.96
CA ILE A 185 4.34 -34.72 -18.08
C ILE A 185 5.34 -35.82 -17.75
N GLY A 186 6.52 -35.43 -17.27
CA GLY A 186 7.53 -36.41 -16.89
C GLY A 186 7.00 -37.46 -15.94
N TYR A 187 6.38 -37.02 -14.84
CA TYR A 187 5.82 -37.96 -13.87
C TYR A 187 4.74 -38.84 -14.51
N ARG A 188 3.92 -38.27 -15.40
CA ARG A 188 2.90 -39.06 -16.07
C ARG A 188 3.52 -40.10 -17.01
N ILE A 189 4.74 -39.86 -17.49
CA ILE A 189 5.44 -40.88 -18.27
C ILE A 189 5.89 -42.02 -17.37
N LEU A 190 6.50 -41.68 -16.23
CA LEU A 190 6.85 -42.69 -15.22
C LEU A 190 5.65 -43.55 -14.85
N GLU A 191 4.48 -42.93 -14.66
CA GLU A 191 3.31 -43.68 -14.26
C GLU A 191 2.94 -44.75 -15.28
N ARG A 192 2.99 -44.41 -16.57
CA ARG A 192 2.62 -45.34 -17.62
C ARG A 192 3.72 -46.36 -17.90
N LEU A 193 4.94 -46.13 -17.39
CA LEU A 193 6.02 -47.08 -17.55
C LEU A 193 5.94 -48.24 -16.54
N ILE A 194 5.35 -48.00 -15.37
CA ILE A 194 5.40 -48.96 -14.27
C ILE A 194 4.91 -50.33 -14.71
N ALA A 195 3.79 -50.38 -15.43
CA ALA A 195 3.22 -51.65 -15.82
C ALA A 195 4.02 -52.35 -16.91
N PHE A 196 5.02 -51.69 -17.48
CA PHE A 196 5.91 -52.30 -18.45
C PHE A 196 7.05 -53.07 -17.79
N ASN A 197 7.09 -53.09 -16.45
CA ASN A 197 8.11 -53.78 -15.66
C ASN A 197 9.50 -53.28 -15.99
N PRO A 198 9.79 -52.00 -15.74
CA PRO A 198 11.15 -51.51 -15.97
C PRO A 198 12.12 -52.10 -14.96
N LYS A 199 13.41 -52.07 -15.31
CA LYS A 199 14.43 -52.46 -14.35
C LYS A 199 14.61 -51.39 -13.29
N LYS A 200 14.47 -50.12 -13.67
CA LYS A 200 14.68 -48.99 -12.78
C LYS A 200 14.17 -47.74 -13.46
N LEU A 201 13.67 -46.81 -12.65
CA LEU A 201 13.22 -45.50 -13.13
C LEU A 201 14.07 -44.43 -12.45
N LEU A 202 14.74 -43.62 -13.26
CA LEU A 202 15.57 -42.53 -12.78
C LEU A 202 14.95 -41.19 -13.15
N TYR A 203 15.26 -40.15 -12.38
CA TYR A 203 14.78 -38.82 -12.69
C TYR A 203 15.82 -37.81 -12.23
N TYR A 204 15.81 -36.65 -12.88
CA TYR A 204 16.81 -35.61 -12.65
C TYR A 204 16.13 -34.25 -12.77
N GLN A 205 16.03 -33.53 -11.66
CA GLN A 205 15.62 -32.13 -11.69
C GLN A 205 16.30 -31.41 -10.52
N ARG A 206 16.00 -30.12 -10.41
CA ARG A 206 16.67 -29.28 -9.42
C ARG A 206 16.14 -29.49 -8.01
N ASN A 207 14.90 -29.94 -7.87
CA ASN A 207 14.32 -30.23 -6.58
C ASN A 207 13.90 -31.70 -6.49
N PRO A 208 13.96 -32.31 -5.31
CA PRO A 208 13.51 -33.70 -5.18
C PRO A 208 12.00 -33.80 -5.26
N LEU A 209 11.54 -34.91 -5.83
CA LEU A 209 10.10 -35.16 -5.94
C LEU A 209 9.45 -35.16 -4.56
N PRO A 210 8.17 -34.82 -4.48
CA PRO A 210 7.44 -35.00 -3.22
C PRO A 210 7.45 -36.46 -2.78
N GLU A 211 7.08 -36.67 -1.51
CA GLU A 211 7.15 -38.01 -0.95
C GLU A 211 6.01 -38.89 -1.47
N GLU A 212 4.78 -38.40 -1.44
CA GLU A 212 3.65 -39.19 -1.91
C GLU A 212 3.74 -39.48 -3.40
N ALA A 213 4.54 -38.72 -4.15
CA ALA A 213 4.78 -39.05 -5.54
C ALA A 213 5.73 -40.24 -5.66
N ILE A 214 6.83 -40.21 -4.91
CA ILE A 214 7.72 -41.37 -4.82
C ILE A 214 6.95 -42.58 -4.31
N ASN A 215 6.06 -42.37 -3.34
CA ASN A 215 5.30 -43.47 -2.77
C ASN A 215 4.28 -44.03 -3.75
N LYS A 216 3.71 -43.17 -4.61
CA LYS A 216 2.72 -43.67 -5.57
C LYS A 216 3.36 -44.59 -6.60
N LEU A 217 4.54 -44.22 -7.11
CA LEU A 217 5.23 -45.07 -8.08
C LEU A 217 5.66 -46.38 -7.43
N ASN A 218 6.26 -46.31 -6.24
CA ASN A 218 6.68 -47.51 -5.54
C ASN A 218 5.48 -48.41 -5.23
N ALA A 219 4.36 -47.83 -4.82
CA ALA A 219 3.15 -48.61 -4.59
C ALA A 219 2.68 -49.30 -5.88
N ALA A 220 2.71 -48.55 -7.00
CA ALA A 220 2.32 -49.15 -8.28
C ALA A 220 3.28 -50.26 -8.68
N SER A 221 4.58 -50.04 -8.50
CA SER A 221 5.55 -51.08 -8.77
C SER A 221 5.27 -52.35 -7.94
N LYS A 222 4.97 -52.17 -6.65
CA LYS A 222 4.68 -53.32 -5.80
C LYS A 222 3.45 -54.08 -6.25
N LEU A 223 2.39 -53.37 -6.62
CA LEU A 223 1.15 -54.04 -7.02
C LEU A 223 1.33 -54.80 -8.33
N PHE A 224 1.81 -54.10 -9.37
CA PHE A 224 1.91 -54.72 -10.68
C PHE A 224 2.98 -55.79 -10.72
N ASN A 225 4.19 -55.47 -10.28
CA ASN A 225 5.37 -56.29 -10.53
C ASN A 225 5.95 -56.92 -9.27
N GLY A 226 5.41 -56.62 -8.09
CA GLY A 226 6.02 -57.11 -6.86
C GLY A 226 7.38 -56.53 -6.57
N VAL A 227 7.73 -55.39 -7.19
CA VAL A 227 9.01 -54.75 -7.01
C VAL A 227 8.82 -53.47 -6.22
N ASP A 228 9.83 -53.10 -5.44
CA ASP A 228 9.76 -51.93 -4.58
C ASP A 228 10.95 -51.01 -4.86
N ASN A 229 10.80 -49.74 -4.47
CA ASN A 229 11.85 -48.73 -4.61
C ASN A 229 12.36 -48.64 -6.04
N ILE A 230 11.41 -48.51 -6.97
CA ILE A 230 11.77 -48.50 -8.39
C ILE A 230 12.23 -47.12 -8.86
N ILE A 231 11.88 -46.05 -8.16
CA ILE A 231 12.26 -44.70 -8.55
C ILE A 231 13.49 -44.28 -7.76
N GLU A 232 14.34 -43.47 -8.39
CA GLU A 232 15.62 -43.07 -7.80
C GLU A 232 16.07 -41.77 -8.45
N ARG A 233 16.49 -40.81 -7.62
CA ARG A 233 16.97 -39.53 -8.12
C ARG A 233 18.48 -39.58 -8.37
N VAL A 234 18.88 -39.22 -9.59
CA VAL A 234 20.28 -38.99 -9.92
C VAL A 234 20.53 -37.50 -10.00
N GLU A 235 21.66 -37.05 -9.46
CA GLU A 235 21.94 -35.63 -9.35
C GLU A 235 22.99 -35.11 -10.33
N ASN A 236 23.79 -36.00 -10.90
CA ASN A 236 24.72 -35.63 -11.97
C ASN A 236 24.07 -35.97 -13.30
N LEU A 237 24.13 -35.03 -14.24
CA LEU A 237 23.44 -35.22 -15.53
C LEU A 237 24.11 -36.32 -16.35
N GLU A 238 25.44 -36.30 -16.43
CA GLU A 238 26.16 -37.37 -17.12
C GLU A 238 25.91 -38.72 -16.46
N ASP A 239 25.78 -38.74 -15.13
CA ASP A 239 25.51 -39.98 -14.42
C ASP A 239 24.15 -40.55 -14.77
N LEU A 240 23.17 -39.68 -15.03
CA LEU A 240 21.83 -40.15 -15.37
C LEU A 240 21.81 -40.79 -16.76
N VAL A 241 22.44 -40.15 -17.73
CA VAL A 241 22.40 -40.66 -19.10
C VAL A 241 23.35 -41.83 -19.31
N SER A 242 24.36 -41.99 -18.43
CA SER A 242 25.22 -43.16 -18.51
C SER A 242 24.47 -44.43 -18.15
N GLN A 243 23.62 -44.38 -17.12
CA GLN A 243 22.96 -45.57 -16.60
C GLN A 243 21.76 -46.00 -17.44
N ALA A 244 21.22 -45.12 -18.27
CA ALA A 244 19.90 -45.33 -18.85
C ALA A 244 19.98 -45.98 -20.22
N ASP A 245 18.94 -46.74 -20.55
CA ASP A 245 18.68 -47.18 -21.92
C ASP A 245 17.81 -46.18 -22.67
N VAL A 246 16.92 -45.49 -21.96
CA VAL A 246 15.97 -44.55 -22.54
C VAL A 246 15.95 -43.31 -21.65
N VAL A 247 16.26 -42.15 -22.23
CA VAL A 247 16.14 -40.87 -21.52
C VAL A 247 15.11 -40.02 -22.25
N THR A 248 14.17 -39.49 -21.49
CA THR A 248 13.16 -38.56 -21.98
C THR A 248 13.48 -37.15 -21.51
N LEU A 249 13.23 -36.16 -22.36
CA LEU A 249 13.35 -34.76 -21.98
C LEU A 249 11.95 -34.23 -21.66
N ASN A 250 11.76 -33.75 -20.44
CA ASN A 250 10.46 -33.27 -19.99
C ASN A 250 10.67 -32.07 -19.07
N CYS A 251 11.48 -31.14 -19.52
CA CYS A 251 11.81 -29.97 -18.75
C CYS A 251 11.69 -28.78 -19.69
N PRO A 252 11.88 -27.57 -19.18
CA PRO A 252 11.74 -26.48 -20.16
C PRO A 252 12.98 -25.77 -20.69
N LEU A 253 12.80 -25.04 -21.78
CA LEU A 253 13.91 -24.28 -22.37
C LEU A 253 14.12 -23.05 -21.54
N TYR A 254 15.03 -23.13 -20.59
CA TYR A 254 15.21 -22.04 -19.67
C TYR A 254 16.62 -21.48 -19.67
N GLU A 255 17.06 -21.04 -20.84
CA GLU A 255 18.39 -20.41 -20.98
C GLU A 255 19.61 -21.22 -20.71
N LYS A 256 19.83 -21.74 -19.51
CA LYS A 256 21.01 -22.58 -19.41
C LYS A 256 20.72 -24.03 -19.79
N SER A 257 19.46 -24.37 -19.98
CA SER A 257 19.06 -25.61 -20.62
C SER A 257 19.18 -25.54 -22.15
N LYS A 258 19.59 -24.39 -22.69
CA LYS A 258 19.84 -24.20 -24.12
C LYS A 258 20.91 -25.18 -24.57
N GLY A 259 20.58 -26.05 -25.51
CA GLY A 259 21.60 -26.92 -26.05
C GLY A 259 22.29 -27.82 -25.04
N MET A 260 21.61 -28.17 -23.94
CA MET A 260 22.27 -28.97 -22.91
C MET A 260 22.59 -30.37 -23.42
N PHE A 261 21.69 -30.98 -24.19
CA PHE A 261 21.92 -32.31 -24.76
C PHE A 261 22.82 -32.16 -25.98
N ASN A 262 24.12 -32.01 -25.72
CA ASN A 262 25.09 -31.68 -26.74
C ASN A 262 25.94 -32.91 -27.09
N LYS A 263 26.94 -32.69 -27.95
CA LYS A 263 27.83 -33.76 -28.40
C LYS A 263 28.42 -34.54 -27.24
N GLU A 264 28.90 -33.83 -26.20
CA GLU A 264 29.53 -34.51 -25.07
C GLU A 264 28.55 -35.39 -24.32
N LEU A 265 27.38 -34.84 -23.97
CA LEU A 265 26.41 -35.59 -23.18
C LEU A 265 25.92 -36.81 -23.94
N ILE A 266 25.70 -36.68 -25.25
CA ILE A 266 25.33 -37.84 -26.06
C ILE A 266 26.42 -38.89 -26.00
N SER A 267 27.68 -38.47 -26.06
CA SER A 267 28.79 -39.42 -26.06
C SER A 267 28.84 -40.25 -24.78
N LYS A 268 28.31 -39.72 -23.68
CA LYS A 268 28.32 -40.46 -22.42
C LYS A 268 27.23 -41.53 -22.35
N MET A 269 26.34 -41.58 -23.33
CA MET A 269 25.31 -42.62 -23.34
C MET A 269 25.85 -43.90 -23.96
N LYS A 270 25.26 -45.03 -23.57
CA LYS A 270 25.63 -46.30 -24.15
C LYS A 270 25.30 -46.32 -25.64
N LYS A 271 26.13 -46.98 -26.43
CA LYS A 271 25.82 -47.18 -27.83
C LYS A 271 24.53 -47.97 -27.98
N GLY A 272 23.65 -47.51 -28.85
CA GLY A 272 22.36 -48.14 -29.01
C GLY A 272 21.31 -47.69 -28.01
N SER A 273 21.52 -46.56 -27.34
CA SER A 273 20.54 -46.02 -26.43
C SER A 273 19.46 -45.26 -27.19
N TYR A 274 18.50 -44.69 -26.45
CA TYR A 274 17.35 -44.03 -27.05
C TYR A 274 17.12 -42.69 -26.38
N VAL A 275 16.77 -41.69 -27.18
CA VAL A 275 16.50 -40.34 -26.69
C VAL A 275 15.11 -39.94 -27.18
N ILE A 276 14.21 -39.65 -26.24
CA ILE A 276 12.89 -39.14 -26.55
C ILE A 276 12.84 -37.68 -26.11
N ASN A 277 12.23 -36.83 -26.94
CA ASN A 277 12.16 -35.41 -26.63
C ASN A 277 10.82 -34.89 -27.16
N THR A 278 9.79 -34.99 -26.31
CA THR A 278 8.53 -34.31 -26.54
C THR A 278 8.47 -32.97 -25.82
N ALA A 279 9.61 -32.47 -25.35
CA ALA A 279 9.63 -31.23 -24.58
C ALA A 279 9.83 -30.05 -25.52
N ARG A 280 11.08 -29.62 -25.72
CA ARG A 280 11.43 -28.55 -26.64
C ARG A 280 12.64 -28.97 -27.45
N GLY A 281 12.56 -28.79 -28.77
CA GLY A 281 13.66 -29.16 -29.65
C GLY A 281 14.97 -28.49 -29.29
N ALA A 282 14.92 -27.23 -28.86
CA ALA A 282 16.13 -26.48 -28.58
C ALA A 282 16.86 -26.94 -27.32
N LEU A 283 16.29 -27.88 -26.56
CA LEU A 283 17.04 -28.48 -25.46
C LEU A 283 18.28 -29.21 -25.96
N THR A 284 18.25 -29.68 -27.20
CA THR A 284 19.35 -30.43 -27.79
C THR A 284 20.25 -29.52 -28.63
N ASP A 285 21.45 -30.02 -28.90
CA ASP A 285 22.27 -29.57 -30.00
C ASP A 285 21.76 -30.31 -31.24
N PRO A 286 20.94 -29.65 -32.07
CA PRO A 286 20.18 -30.41 -33.10
C PRO A 286 21.06 -31.18 -34.06
N GLN A 287 22.20 -30.59 -34.48
CA GLN A 287 23.08 -31.31 -35.40
C GLN A 287 23.84 -32.43 -34.68
N ALA A 288 24.11 -32.27 -33.39
CA ALA A 288 24.73 -33.35 -32.63
C ALA A 288 23.79 -34.54 -32.50
N ILE A 289 22.49 -34.29 -32.38
CA ILE A 289 21.51 -35.37 -32.38
C ILE A 289 21.54 -36.09 -33.72
N ALA A 290 21.51 -35.34 -34.82
CA ALA A 290 21.55 -35.94 -36.15
C ALA A 290 22.83 -36.76 -36.34
N ASP A 291 23.97 -36.21 -35.94
CA ASP A 291 25.23 -36.93 -36.05
C ASP A 291 25.17 -38.26 -35.30
N ALA A 292 24.60 -38.24 -34.09
CA ALA A 292 24.58 -39.43 -33.25
C ALA A 292 23.54 -40.46 -33.69
N VAL A 293 22.48 -40.03 -34.38
CA VAL A 293 21.54 -40.97 -34.96
C VAL A 293 22.13 -41.61 -36.20
N ASN A 294 22.75 -40.80 -37.07
CA ASN A 294 23.28 -41.30 -38.32
C ASN A 294 24.49 -42.21 -38.09
N SER A 295 25.19 -42.03 -36.97
CA SER A 295 26.28 -42.93 -36.61
C SER A 295 25.79 -44.19 -35.93
N GLY A 296 24.53 -44.24 -35.50
CA GLY A 296 23.99 -45.39 -34.81
C GLY A 296 24.21 -45.41 -33.31
N HIS A 297 24.85 -44.37 -32.76
CA HIS A 297 25.07 -44.34 -31.31
C HIS A 297 23.76 -44.27 -30.54
N ILE A 298 22.75 -43.57 -31.08
CA ILE A 298 21.44 -43.47 -30.45
C ILE A 298 20.36 -43.54 -31.50
N ALA A 299 19.14 -43.79 -31.03
CA ALA A 299 17.91 -43.55 -31.78
C ALA A 299 17.20 -42.36 -31.16
N TYR A 300 16.43 -41.63 -31.97
CA TYR A 300 15.84 -40.39 -31.50
C TYR A 300 14.40 -40.28 -32.00
N GLY A 301 13.54 -39.75 -31.13
CA GLY A 301 12.14 -39.57 -31.46
C GLY A 301 11.54 -38.45 -30.65
N GLY A 302 10.47 -37.88 -31.19
CA GLY A 302 9.83 -36.73 -30.59
C GLY A 302 9.08 -35.95 -31.63
N ASP A 303 8.38 -34.90 -31.16
CA ASP A 303 7.56 -34.10 -32.04
C ASP A 303 7.89 -32.61 -32.01
N VAL A 304 8.79 -32.17 -31.15
CA VAL A 304 9.14 -30.75 -31.04
C VAL A 304 10.44 -30.51 -31.78
N TRP A 305 10.53 -29.35 -32.43
CA TRP A 305 11.66 -28.99 -33.27
C TRP A 305 12.19 -27.63 -32.85
N PRO A 306 13.44 -27.31 -33.18
CA PRO A 306 13.99 -26.00 -32.76
C PRO A 306 13.31 -24.83 -33.44
N VAL A 307 12.85 -24.99 -34.68
CA VAL A 307 12.18 -23.94 -35.43
C VAL A 307 10.94 -24.54 -36.07
N GLN A 308 9.79 -23.91 -35.84
CA GLN A 308 8.52 -24.46 -36.29
C GLN A 308 7.77 -23.43 -37.12
N PRO A 309 7.37 -23.76 -38.35
CA PRO A 309 7.48 -25.07 -39.00
C PRO A 309 8.92 -25.42 -39.33
N ALA A 310 9.26 -26.71 -39.34
CA ALA A 310 10.65 -27.09 -39.54
C ALA A 310 11.04 -26.94 -41.00
N PRO A 311 12.24 -26.45 -41.28
CA PRO A 311 12.70 -26.35 -42.67
C PRO A 311 12.64 -27.70 -43.38
N LYS A 312 12.49 -27.64 -44.70
CA LYS A 312 12.49 -28.87 -45.50
C LYS A 312 13.80 -29.63 -45.31
N ASP A 313 14.92 -28.92 -45.22
CA ASP A 313 16.24 -29.52 -45.14
C ASP A 313 16.66 -29.85 -43.71
N MET A 314 15.74 -29.80 -42.75
CA MET A 314 16.13 -30.00 -41.35
C MET A 314 16.68 -31.41 -41.18
N PRO A 315 17.87 -31.58 -40.60
CA PRO A 315 18.52 -32.91 -40.58
C PRO A 315 17.70 -33.97 -39.87
N TRP A 316 16.81 -33.60 -38.95
CA TRP A 316 16.02 -34.59 -38.24
C TRP A 316 15.00 -35.28 -39.15
N ARG A 317 14.67 -34.67 -40.29
CA ARG A 317 13.69 -35.26 -41.20
C ARG A 317 14.24 -36.47 -41.95
N THR A 318 15.57 -36.64 -41.99
CA THR A 318 16.18 -37.73 -42.73
C THR A 318 17.19 -38.52 -41.90
N MET A 319 17.34 -38.21 -40.61
CA MET A 319 18.09 -39.05 -39.69
C MET A 319 17.69 -40.51 -39.83
N HIS A 320 18.67 -41.41 -39.77
CA HIS A 320 18.39 -42.81 -39.56
C HIS A 320 19.68 -43.53 -39.16
N ASN A 321 19.50 -44.66 -38.47
CA ASN A 321 20.63 -45.50 -38.10
C ASN A 321 21.23 -46.15 -39.34
N PRO A 322 22.51 -46.53 -39.28
CA PRO A 322 23.15 -47.18 -40.44
C PRO A 322 22.40 -48.40 -40.95
N TYR A 323 21.68 -49.12 -40.08
CA TYR A 323 20.97 -50.32 -40.49
C TYR A 323 19.96 -50.06 -41.60
N GLY A 324 19.54 -48.82 -41.79
CA GLY A 324 18.54 -48.53 -42.80
C GLY A 324 17.77 -47.27 -42.51
N LYS A 325 17.07 -46.78 -43.54
CA LYS A 325 16.28 -45.56 -43.46
C LYS A 325 15.22 -45.61 -42.38
N ASP A 326 14.65 -46.79 -42.12
CA ASP A 326 13.56 -46.93 -41.15
C ASP A 326 14.05 -47.44 -39.80
N TYR A 327 15.33 -47.23 -39.48
CA TYR A 327 15.89 -47.59 -38.19
C TYR A 327 16.23 -46.32 -37.42
N GLY A 328 15.66 -46.17 -36.23
CA GLY A 328 16.15 -45.20 -35.28
C GLY A 328 15.60 -43.79 -35.39
N ASN A 329 14.63 -43.55 -36.27
CA ASN A 329 14.00 -42.24 -36.41
C ASN A 329 12.51 -42.39 -36.18
N ALA A 330 12.00 -41.76 -35.12
CA ALA A 330 10.57 -41.70 -34.84
C ALA A 330 10.12 -40.26 -34.68
N MET A 331 10.58 -39.39 -35.58
CA MET A 331 10.14 -38.00 -35.57
C MET A 331 8.69 -37.91 -36.00
N THR A 332 7.96 -36.97 -35.40
CA THR A 332 6.71 -36.49 -35.95
C THR A 332 6.69 -34.97 -35.94
N VAL A 333 5.92 -34.42 -36.86
CA VAL A 333 5.49 -33.02 -36.84
C VAL A 333 4.79 -32.74 -35.50
N HIS A 334 4.86 -31.51 -35.02
CA HIS A 334 4.45 -31.17 -33.65
C HIS A 334 2.93 -31.31 -33.51
N VAL A 335 2.48 -32.43 -32.95
CA VAL A 335 1.05 -32.75 -32.92
C VAL A 335 0.56 -33.24 -31.57
N SER A 336 1.42 -33.69 -30.65
CA SER A 336 0.95 -34.42 -29.47
C SER A 336 -0.03 -33.58 -28.65
N GLY A 337 0.33 -32.34 -28.38
CA GLY A 337 -0.54 -31.45 -27.62
C GLY A 337 -1.80 -30.99 -28.33
N THR A 338 -2.00 -31.35 -29.60
CA THR A 338 -3.12 -30.83 -30.37
C THR A 338 -4.01 -31.95 -30.91
N SER A 339 -4.08 -33.08 -30.20
CA SER A 339 -5.12 -34.06 -30.48
C SER A 339 -6.49 -33.42 -30.26
N LEU A 340 -7.51 -34.01 -30.90
CA LEU A 340 -8.86 -33.46 -30.81
C LEU A 340 -9.32 -33.32 -29.37
N ASP A 341 -9.00 -34.31 -28.53
CA ASP A 341 -9.35 -34.22 -27.12
C ASP A 341 -8.61 -33.07 -26.44
N ALA A 342 -7.33 -32.87 -26.80
CA ALA A 342 -6.57 -31.77 -26.23
C ALA A 342 -7.08 -30.42 -26.72
N GLN A 343 -7.43 -30.33 -28.01
CA GLN A 343 -7.86 -29.05 -28.57
C GLN A 343 -9.12 -28.55 -27.87
N ALA A 344 -10.04 -29.46 -27.54
CA ALA A 344 -11.24 -29.06 -26.79
C ALA A 344 -10.86 -28.50 -25.42
N ARG A 345 -9.84 -29.08 -24.77
CA ARG A 345 -9.44 -28.63 -23.45
C ARG A 345 -8.85 -27.22 -23.50
N TYR A 346 -7.87 -26.99 -24.37
CA TYR A 346 -7.19 -25.70 -24.33
C TYR A 346 -7.94 -24.60 -25.10
N ALA A 347 -8.93 -24.95 -25.91
CA ALA A 347 -9.80 -23.92 -26.46
C ALA A 347 -10.73 -23.37 -25.39
N ASN A 348 -11.32 -24.26 -24.59
CA ASN A 348 -12.07 -23.82 -23.42
C ASN A 348 -11.17 -23.09 -22.43
N GLY A 349 -9.91 -23.49 -22.33
CA GLY A 349 -8.98 -22.81 -21.44
C GLY A 349 -8.71 -21.38 -21.88
N VAL A 350 -8.51 -21.17 -23.18
CA VAL A 350 -8.29 -19.81 -23.68
C VAL A 350 -9.55 -18.98 -23.49
N LYS A 351 -10.73 -19.60 -23.58
CA LYS A 351 -11.98 -18.86 -23.40
C LYS A 351 -12.11 -18.34 -21.98
N GLN A 352 -11.73 -19.16 -20.99
CA GLN A 352 -11.83 -18.73 -19.59
C GLN A 352 -10.84 -17.60 -19.30
N ILE A 353 -9.64 -17.69 -19.85
CA ILE A 353 -8.65 -16.64 -19.63
C ILE A 353 -9.13 -15.31 -20.20
N LEU A 354 -9.77 -15.36 -21.38
CA LEU A 354 -10.27 -14.13 -21.99
C LEU A 354 -11.47 -13.59 -21.24
N THR A 355 -12.35 -14.48 -20.77
CA THR A 355 -13.49 -14.04 -19.97
C THR A 355 -13.04 -13.28 -18.74
N GLU A 356 -12.10 -13.84 -17.98
CA GLU A 356 -11.56 -13.16 -16.80
C GLU A 356 -10.97 -11.80 -17.18
N TYR A 357 -10.32 -11.70 -18.34
CA TYR A 357 -9.70 -10.45 -18.74
C TYR A 357 -10.74 -9.43 -19.18
N PHE A 358 -11.69 -9.85 -20.02
CA PHE A 358 -12.69 -8.93 -20.54
C PHE A 358 -13.59 -8.40 -19.42
N ASP A 359 -14.05 -9.29 -18.54
CA ASP A 359 -14.83 -8.88 -17.38
C ASP A 359 -14.01 -8.10 -16.36
N LYS A 360 -12.71 -7.93 -16.60
CA LYS A 360 -11.82 -7.18 -15.72
C LYS A 360 -11.86 -7.70 -14.28
N THR A 361 -12.05 -9.00 -14.11
CA THR A 361 -11.92 -9.65 -12.82
C THR A 361 -10.57 -10.32 -12.64
N TYR A 362 -10.02 -10.91 -13.70
CA TYR A 362 -8.66 -11.46 -13.71
C TYR A 362 -8.47 -12.57 -12.68
N LYS A 363 -9.51 -13.38 -12.47
CA LYS A 363 -9.39 -14.52 -11.57
C LYS A 363 -8.85 -15.74 -12.35
N TYR A 364 -7.64 -15.57 -12.87
CA TYR A 364 -6.95 -16.63 -13.58
C TYR A 364 -6.60 -17.77 -12.64
N ARG A 365 -6.59 -18.98 -13.17
CA ARG A 365 -5.98 -20.10 -12.49
C ARG A 365 -4.49 -19.84 -12.31
N PRO A 366 -3.96 -19.88 -11.08
CA PRO A 366 -2.56 -19.51 -10.88
C PRO A 366 -1.57 -20.39 -11.63
N GLN A 367 -1.91 -21.66 -11.87
CA GLN A 367 -1.02 -22.52 -12.64
C GLN A 367 -0.97 -22.10 -14.11
N ASP A 368 -1.95 -21.35 -14.58
CA ASP A 368 -1.97 -20.86 -15.96
C ASP A 368 -1.07 -19.67 -16.19
N VAL A 369 -0.60 -19.01 -15.13
CA VAL A 369 0.13 -17.75 -15.26
C VAL A 369 1.61 -18.05 -15.46
N ILE A 370 2.17 -17.49 -16.53
CA ILE A 370 3.59 -17.62 -16.83
C ILE A 370 4.34 -16.35 -16.45
N CYS A 371 3.80 -15.20 -16.82
CA CYS A 371 4.31 -13.90 -16.40
C CYS A 371 3.14 -13.00 -16.05
N ILE A 372 3.37 -12.09 -15.10
CA ILE A 372 2.37 -11.12 -14.69
C ILE A 372 3.03 -10.05 -13.84
N ASP A 373 2.58 -8.80 -13.99
CA ASP A 373 3.02 -7.69 -13.15
C ASP A 373 4.54 -7.49 -13.21
N GLY A 374 5.15 -7.86 -14.34
CA GLY A 374 6.56 -7.61 -14.56
C GLY A 374 7.50 -8.69 -14.08
N HIS A 375 6.99 -9.82 -13.61
CA HIS A 375 7.84 -10.87 -13.07
C HIS A 375 7.37 -12.23 -13.58
N TYR A 376 8.29 -13.19 -13.59
CA TYR A 376 7.90 -14.58 -13.82
C TYR A 376 7.00 -15.05 -12.68
N ALA A 377 6.10 -15.98 -13.00
CA ALA A 377 5.15 -16.49 -12.01
C ALA A 377 5.18 -18.00 -11.96
N THR A 378 6.31 -18.61 -12.32
CA THR A 378 6.42 -20.05 -12.41
C THR A 378 7.89 -20.43 -12.52
N THR A 379 8.17 -21.69 -12.21
CA THR A 379 9.50 -22.25 -12.38
C THR A 379 9.70 -22.84 -13.77
N SER A 380 8.64 -22.96 -14.56
CA SER A 380 8.71 -23.55 -15.89
C SER A 380 9.36 -22.63 -16.92
N TYR A 381 9.74 -21.40 -16.57
CA TYR A 381 10.39 -20.52 -17.51
C TYR A 381 11.26 -19.54 -16.73
N GLY A 382 12.27 -19.00 -17.42
CA GLY A 382 13.19 -18.06 -16.79
C GLY A 382 14.45 -17.80 -17.60
N MET B 9 -19.65 64.43 19.46
CA MET B 9 -19.56 64.89 20.84
C MET B 9 -20.25 63.94 21.80
N GLY B 10 -20.46 62.71 21.35
CA GLY B 10 -21.01 61.67 22.20
C GLY B 10 -19.94 61.09 23.11
N LYS B 11 -20.30 59.96 23.73
CA LYS B 11 -19.35 59.20 24.51
C LYS B 11 -18.19 58.74 23.62
N PRO B 12 -17.04 58.42 24.20
CA PRO B 12 -15.95 57.85 23.39
C PRO B 12 -16.22 56.39 23.07
N LYS B 13 -15.87 56.01 21.84
CA LYS B 13 -16.32 54.76 21.25
C LYS B 13 -15.22 53.70 21.27
N VAL B 14 -15.57 52.50 21.68
CA VAL B 14 -14.78 51.30 21.44
C VAL B 14 -15.40 50.56 20.27
N LEU B 15 -14.64 50.44 19.17
CA LEU B 15 -15.13 49.83 17.94
C LEU B 15 -14.49 48.46 17.81
N MET B 16 -15.31 47.40 17.91
CA MET B 16 -14.84 46.03 17.93
C MET B 16 -15.40 45.28 16.73
N ALA B 17 -14.51 44.63 15.98
CA ALA B 17 -14.89 43.83 14.82
C ALA B 17 -14.52 42.37 15.10
N LEU B 18 -15.54 41.53 15.24
CA LEU B 18 -15.37 40.10 15.47
C LEU B 18 -16.22 39.34 14.46
N TYR B 19 -15.98 38.04 14.35
CA TYR B 19 -16.88 37.24 13.52
C TYR B 19 -18.16 36.94 14.29
N SER B 20 -19.21 36.64 13.55
CA SER B 20 -20.52 36.37 14.13
C SER B 20 -20.73 34.86 14.27
N GLY B 21 -21.38 34.47 15.36
CA GLY B 21 -21.69 33.06 15.57
C GLY B 21 -23.17 32.77 15.73
N GLY B 22 -24.01 33.79 15.57
CA GLY B 22 -25.45 33.65 15.64
C GLY B 22 -25.97 32.82 16.80
N LYS B 23 -26.88 31.89 16.48
CA LYS B 23 -27.49 31.06 17.51
C LYS B 23 -26.46 30.17 18.21
N LEU B 24 -25.42 29.75 17.49
CA LEU B 24 -24.33 28.99 18.11
C LEU B 24 -23.73 29.77 19.27
N ALA B 25 -23.32 31.02 19.02
CA ALA B 25 -22.69 31.82 20.06
C ALA B 25 -23.67 32.20 21.15
N LYS B 26 -24.93 32.44 20.78
CA LYS B 26 -25.95 32.77 21.79
C LYS B 26 -26.17 31.63 22.77
N GLU B 27 -25.90 30.39 22.34
CA GLU B 27 -26.10 29.23 23.19
C GLU B 27 -24.81 28.64 23.74
N GLU B 28 -23.65 29.08 23.25
CA GLU B 28 -22.35 28.63 23.77
C GLU B 28 -21.58 29.81 24.33
N PRO B 29 -21.62 30.03 25.65
CA PRO B 29 -20.90 31.18 26.22
C PRO B 29 -19.39 31.10 26.07
N ARG B 30 -18.83 29.92 25.78
CA ARG B 30 -17.39 29.82 25.57
C ARG B 30 -16.95 30.44 24.25
N LEU B 31 -17.89 30.69 23.33
CA LEU B 31 -17.58 31.38 22.08
C LEU B 31 -17.46 32.89 22.33
N LEU B 32 -16.46 33.25 23.13
CA LEU B 32 -16.28 34.64 23.52
C LEU B 32 -15.80 35.52 22.38
N GLY B 33 -15.16 34.94 21.37
CA GLY B 33 -14.60 35.74 20.28
C GLY B 33 -15.62 36.14 19.23
N THR B 34 -16.90 36.13 19.59
CA THR B 34 -17.97 36.42 18.66
C THR B 34 -18.62 37.77 18.98
N VAL B 35 -19.21 38.37 17.94
CA VAL B 35 -20.02 39.57 18.13
C VAL B 35 -21.07 39.35 19.21
N GLU B 36 -21.67 38.15 19.23
CA GLU B 36 -22.73 37.86 20.19
C GLU B 36 -22.24 37.97 21.63
N ASN B 37 -21.03 37.49 21.92
CA ASN B 37 -20.55 37.41 23.29
C ASN B 37 -19.53 38.48 23.65
N GLU B 38 -18.97 39.18 22.66
CA GLU B 38 -18.24 40.44 22.87
C GLU B 38 -17.05 40.30 23.82
N LEU B 39 -16.45 39.12 23.89
CA LEU B 39 -15.28 38.86 24.71
C LEU B 39 -15.53 39.07 26.21
N GLY B 40 -16.77 39.34 26.60
CA GLY B 40 -17.07 39.60 27.99
C GLY B 40 -16.61 40.94 28.52
N ILE B 41 -16.36 41.90 27.63
CA ILE B 41 -15.74 43.18 28.01
C ILE B 41 -16.75 44.33 27.99
N ARG B 42 -18.05 44.05 27.90
CA ARG B 42 -19.01 45.15 27.81
C ARG B 42 -19.14 45.88 29.13
N LYS B 43 -19.26 45.15 30.23
CA LYS B 43 -19.36 45.77 31.55
C LYS B 43 -18.19 46.71 31.81
N LEU B 44 -16.97 46.23 31.57
CA LEU B 44 -15.78 47.06 31.79
C LEU B 44 -15.82 48.31 30.93
N VAL B 45 -16.14 48.16 29.64
CA VAL B 45 -16.13 49.30 28.73
C VAL B 45 -17.16 50.35 29.14
N GLU B 46 -18.30 49.91 29.65
CA GLU B 46 -19.34 50.86 30.05
C GLU B 46 -19.11 51.42 31.44
N GLU B 47 -18.52 50.63 32.35
CA GLU B 47 -18.12 51.14 33.65
C GLU B 47 -17.29 52.42 33.55
N HIS B 48 -16.52 52.56 32.48
CA HIS B 48 -15.62 53.70 32.30
C HIS B 48 -16.16 54.72 31.32
N GLY B 49 -17.46 54.72 31.07
CA GLY B 49 -18.08 55.74 30.25
C GLY B 49 -17.80 55.65 28.77
N TYR B 50 -17.60 54.45 28.25
CA TYR B 50 -17.33 54.25 26.84
C TYR B 50 -18.51 53.53 26.18
N GLU B 51 -18.72 53.81 24.90
CA GLU B 51 -19.74 53.17 24.09
C GLU B 51 -19.11 52.04 23.29
N LEU B 52 -19.60 50.82 23.50
CA LEU B 52 -19.09 49.63 22.81
C LEU B 52 -19.91 49.36 21.56
N VAL B 53 -19.27 49.46 20.40
CA VAL B 53 -19.89 49.15 19.11
C VAL B 53 -19.23 47.88 18.58
N THR B 54 -19.97 46.77 18.63
CA THR B 54 -19.50 45.49 18.11
C THR B 54 -20.23 45.16 16.82
N THR B 55 -19.48 44.70 15.82
CA THR B 55 -20.05 44.44 14.51
C THR B 55 -19.21 43.40 13.77
N ALA B 56 -19.89 42.55 13.00
CA ALA B 56 -19.25 41.67 12.05
C ALA B 56 -19.26 42.24 10.63
N ASP B 57 -19.80 43.45 10.46
CA ASP B 57 -19.92 44.07 9.15
C ASP B 57 -18.67 44.91 8.94
N LYS B 58 -17.64 44.29 8.36
CA LYS B 58 -16.31 44.87 8.33
C LYS B 58 -15.82 45.24 6.94
N ASP B 59 -16.48 44.80 5.88
CA ASP B 59 -15.96 45.15 4.56
C ASP B 59 -16.95 46.05 3.85
N PRO B 60 -17.18 45.91 2.58
CA PRO B 60 -17.15 47.12 1.72
C PRO B 60 -16.67 48.38 2.42
N PHE B 61 -15.39 48.73 2.18
CA PHE B 61 -14.94 50.09 2.47
C PHE B 61 -15.42 51.04 1.38
N PRO B 62 -15.92 52.22 1.75
CA PRO B 62 -16.03 52.81 3.09
C PRO B 62 -17.43 52.73 3.70
N SER B 63 -18.26 51.80 3.24
CA SER B 63 -19.68 51.80 3.60
C SER B 63 -20.02 50.92 4.80
N SER B 64 -19.07 50.14 5.32
CA SER B 64 -19.37 49.20 6.38
C SER B 64 -19.81 49.89 7.67
N THR B 65 -20.51 49.11 8.50
CA THR B 65 -20.75 49.52 9.88
C THR B 65 -19.43 49.88 10.55
N PHE B 66 -18.38 49.10 10.28
CA PHE B 66 -17.06 49.38 10.85
C PHE B 66 -16.57 50.75 10.42
N ASP B 67 -16.55 51.01 9.10
CA ASP B 67 -16.09 52.30 8.59
C ASP B 67 -16.90 53.45 9.17
N LYS B 68 -18.23 53.30 9.22
CA LYS B 68 -19.10 54.40 9.65
C LYS B 68 -18.90 54.77 11.11
N ASN B 69 -18.30 53.89 11.91
CA ASN B 69 -18.01 54.20 13.31
C ASN B 69 -16.55 54.54 13.54
N LEU B 70 -15.77 54.70 12.47
CA LEU B 70 -14.38 55.14 12.62
C LEU B 70 -14.23 56.56 13.16
N PRO B 71 -15.04 57.56 12.75
CA PRO B 71 -14.74 58.95 13.15
C PRO B 71 -14.67 59.19 14.65
N ASP B 72 -15.34 58.37 15.46
CA ASP B 72 -15.31 58.54 16.91
C ASP B 72 -14.66 57.36 17.63
N ALA B 73 -13.97 56.49 16.90
CA ALA B 73 -13.33 55.33 17.51
C ALA B 73 -12.07 55.76 18.25
N GLU B 74 -12.05 55.53 19.56
CA GLU B 74 -10.85 55.72 20.37
C GLU B 74 -10.05 54.43 20.48
N ILE B 75 -10.73 53.33 20.81
CA ILE B 75 -10.13 52.00 20.85
C ILE B 75 -10.73 51.18 19.72
N ILE B 76 -9.88 50.48 18.97
CA ILE B 76 -10.31 49.53 17.97
C ILE B 76 -9.86 48.13 18.41
N ILE B 77 -10.80 47.19 18.40
CA ILE B 77 -10.50 45.80 18.72
C ILE B 77 -10.82 44.96 17.48
N THR B 78 -9.85 44.19 17.03
CA THR B 78 -9.99 43.30 15.89
C THR B 78 -9.70 41.87 16.34
N THR B 79 -9.74 40.95 15.38
CA THR B 79 -9.43 39.55 15.61
C THR B 79 -8.91 39.00 14.30
N PRO B 80 -7.84 38.20 14.32
CA PRO B 80 -7.19 37.82 13.05
C PRO B 80 -8.00 36.85 12.21
N PHE B 81 -8.83 36.02 12.84
CA PHE B 81 -9.61 35.02 12.11
C PHE B 81 -10.67 35.66 11.23
N PHE B 82 -11.07 36.88 11.53
CA PHE B 82 -12.05 37.62 10.72
C PHE B 82 -11.69 39.09 10.83
N PRO B 83 -10.68 39.54 10.09
CA PRO B 83 -9.99 40.79 10.45
C PRO B 83 -10.46 42.02 9.70
N ALA B 84 -10.83 43.06 10.45
CA ALA B 84 -11.02 44.38 9.86
C ALA B 84 -9.66 44.95 9.51
N TYR B 85 -9.45 45.22 8.22
CA TYR B 85 -8.15 45.70 7.74
C TYR B 85 -8.04 47.18 8.04
N VAL B 86 -7.28 47.52 9.07
CA VAL B 86 -7.15 48.91 9.53
C VAL B 86 -6.05 49.53 8.68
N THR B 87 -6.44 49.98 7.49
CA THR B 87 -5.50 50.52 6.52
C THR B 87 -5.24 52.00 6.78
N LYS B 88 -4.23 52.53 6.07
CA LYS B 88 -3.89 53.95 6.18
C LYS B 88 -5.11 54.83 5.91
N GLU B 89 -5.85 54.52 4.86
CA GLU B 89 -7.06 55.29 4.53
C GLU B 89 -8.04 55.29 5.69
N ARG B 90 -8.22 54.15 6.35
CA ARG B 90 -9.15 54.08 7.47
C ARG B 90 -8.59 54.80 8.70
N ILE B 91 -7.28 54.71 8.91
CA ILE B 91 -6.66 55.43 10.02
C ILE B 91 -6.81 56.93 9.84
N ALA B 92 -6.79 57.41 8.60
CA ALA B 92 -6.98 58.82 8.32
C ALA B 92 -8.40 59.30 8.62
N LYS B 93 -9.35 58.38 8.74
CA LYS B 93 -10.73 58.71 9.07
C LYS B 93 -11.07 58.45 10.53
N ALA B 94 -10.08 58.09 11.35
CA ALA B 94 -10.26 57.84 12.78
C ALA B 94 -9.42 58.84 13.56
N PRO B 95 -9.88 60.09 13.69
CA PRO B 95 -9.01 61.15 14.22
C PRO B 95 -8.72 61.03 15.71
N LYS B 96 -9.52 60.29 16.49
CA LYS B 96 -9.26 60.16 17.92
C LYS B 96 -8.87 58.74 18.31
N LEU B 97 -8.44 57.94 17.35
CA LEU B 97 -7.91 56.62 17.65
C LEU B 97 -6.67 56.74 18.51
N LYS B 98 -6.66 56.02 19.63
CA LYS B 98 -5.49 55.96 20.50
C LYS B 98 -4.90 54.56 20.63
N LEU B 99 -5.71 53.51 20.52
CA LEU B 99 -5.27 52.16 20.85
C LEU B 99 -5.95 51.16 19.94
N CYS B 100 -5.17 50.19 19.45
CA CYS B 100 -5.68 49.05 18.71
C CYS B 100 -5.28 47.78 19.44
N VAL B 101 -6.25 46.89 19.68
CA VAL B 101 -6.03 45.64 20.39
C VAL B 101 -6.48 44.49 19.50
N THR B 102 -5.63 43.48 19.38
CA THR B 102 -5.95 42.29 18.60
C THR B 102 -6.44 41.20 19.55
N ALA B 103 -7.68 40.75 19.35
CA ALA B 103 -8.24 39.65 20.14
C ALA B 103 -7.63 38.36 19.62
N GLY B 104 -6.42 38.09 20.09
CA GLY B 104 -5.66 36.94 19.62
C GLY B 104 -4.20 37.31 19.37
N VAL B 105 -3.57 36.68 18.39
CA VAL B 105 -2.18 36.92 18.06
C VAL B 105 -2.05 37.04 16.55
N GLY B 106 -1.35 38.07 16.09
CA GLY B 106 -1.19 38.33 14.67
C GLY B 106 -1.85 39.64 14.27
N SER B 107 -1.03 40.65 13.98
CA SER B 107 -1.53 42.00 13.78
C SER B 107 -1.11 42.57 12.43
N ASP B 108 -0.85 41.71 11.44
CA ASP B 108 -0.47 42.17 10.12
C ASP B 108 -1.60 42.93 9.43
N HIS B 109 -2.83 42.80 9.90
CA HIS B 109 -3.98 43.45 9.26
C HIS B 109 -4.12 44.91 9.65
N TYR B 110 -3.27 45.44 10.53
CA TYR B 110 -3.15 46.88 10.69
C TYR B 110 -2.04 47.40 9.80
N ASP B 111 -2.13 48.69 9.44
CA ASP B 111 -1.00 49.39 8.86
C ASP B 111 -0.18 49.91 10.03
N LEU B 112 0.73 49.06 10.52
CA LEU B 112 1.49 49.38 11.72
C LEU B 112 2.36 50.62 11.54
N ASN B 113 2.82 50.87 10.31
CA ASN B 113 3.63 52.06 10.06
C ASN B 113 2.79 53.33 10.19
N ALA B 114 1.61 53.34 9.56
CA ALA B 114 0.73 54.49 9.66
C ALA B 114 0.26 54.72 11.10
N LEU B 115 0.17 53.65 11.90
CA LEU B 115 -0.21 53.80 13.30
C LEU B 115 0.91 54.44 14.10
N ASN B 116 2.17 54.09 13.78
CA ASN B 116 3.30 54.72 14.46
C ASN B 116 3.35 56.22 14.21
N GLU B 117 3.11 56.64 12.96
CA GLU B 117 3.12 58.07 12.63
C GLU B 117 2.11 58.87 13.46
N ARG B 118 1.11 58.21 14.04
CA ARG B 118 0.11 58.86 14.87
C ARG B 118 0.31 58.58 16.36
N GLY B 119 1.35 57.85 16.74
CA GLY B 119 1.54 57.50 18.13
C GLY B 119 0.58 56.47 18.66
N ILE B 120 -0.09 55.73 17.77
CA ILE B 120 -1.09 54.74 18.19
C ILE B 120 -0.41 53.56 18.86
N ALA B 121 -0.97 53.12 19.99
CA ALA B 121 -0.51 51.92 20.66
C ALA B 121 -1.23 50.70 20.08
N VAL B 122 -0.48 49.62 19.90
CA VAL B 122 -0.98 48.39 19.28
C VAL B 122 -0.59 47.21 20.16
N LEU B 123 -1.59 46.47 20.64
CA LEU B 123 -1.37 45.38 21.58
C LEU B 123 -1.96 44.08 21.05
N GLU B 124 -1.35 42.97 21.45
CA GLU B 124 -1.85 41.63 21.21
C GLU B 124 -1.91 40.88 22.53
N VAL B 125 -2.54 39.70 22.51
CA VAL B 125 -2.47 38.79 23.65
C VAL B 125 -1.42 37.74 23.34
N THR B 126 -0.16 38.18 23.22
CA THR B 126 0.98 37.31 22.95
C THR B 126 0.95 36.06 23.81
N GLY B 127 1.08 34.90 23.16
CA GLY B 127 1.16 33.63 23.84
C GLY B 127 -0.17 32.95 24.12
N SER B 128 -1.29 33.57 23.79
CA SER B 128 -2.59 32.99 24.09
C SER B 128 -2.89 31.75 23.26
N ASN B 129 -2.28 31.61 22.08
CA ASN B 129 -2.59 30.50 21.19
C ASN B 129 -1.36 29.75 20.69
N VAL B 130 -0.19 29.94 21.32
CA VAL B 130 1.04 29.33 20.81
C VAL B 130 0.92 27.81 20.79
N GLN B 131 0.38 27.22 21.86
CA GLN B 131 0.18 25.78 21.88
C GLN B 131 -0.89 25.33 20.90
N SER B 132 -1.92 26.15 20.68
CA SER B 132 -3.01 25.75 19.81
C SER B 132 -2.56 25.68 18.36
N VAL B 133 -1.76 26.65 17.92
CA VAL B 133 -1.25 26.63 16.56
C VAL B 133 -0.24 25.50 16.37
N ALA B 134 0.61 25.27 17.37
CA ALA B 134 1.57 24.18 17.29
C ALA B 134 0.88 22.84 17.11
N GLU B 135 -0.23 22.62 17.84
CA GLU B 135 -1.02 21.40 17.63
C GLU B 135 -1.57 21.34 16.21
N HIS B 136 -2.00 22.49 15.67
CA HIS B 136 -2.58 22.51 14.34
C HIS B 136 -1.53 22.20 13.28
N ALA B 137 -0.32 22.71 13.45
CA ALA B 137 0.75 22.42 12.51
C ALA B 137 1.12 20.94 12.54
N ILE B 138 1.21 20.35 13.73
CA ILE B 138 1.54 18.93 13.84
C ILE B 138 0.44 18.09 13.20
N MET B 139 -0.83 18.42 13.50
CA MET B 139 -1.95 17.75 12.86
C MET B 139 -1.85 17.84 11.34
N THR B 140 -1.49 19.00 10.81
CA THR B 140 -1.40 19.18 9.37
C THR B 140 -0.33 18.27 8.76
N MET B 141 0.89 18.28 9.33
CA MET B 141 1.93 17.35 8.89
C MET B 141 1.41 15.92 8.86
N LEU B 142 0.84 15.46 9.98
CA LEU B 142 0.35 14.09 10.06
C LEU B 142 -0.70 13.80 8.99
N ILE B 143 -1.56 14.77 8.71
CA ILE B 143 -2.63 14.55 7.74
C ILE B 143 -2.05 14.42 6.33
N LEU B 144 -1.07 15.27 5.99
CA LEU B 144 -0.50 15.25 4.65
C LEU B 144 0.42 14.05 4.45
N LEU B 145 1.41 13.88 5.35
CA LEU B 145 2.33 12.77 5.24
C LEU B 145 1.61 11.42 5.18
N ARG B 146 0.64 11.20 6.07
CA ARG B 146 -0.02 9.91 6.19
C ARG B 146 -1.19 9.75 5.24
N ASN B 147 -1.48 10.75 4.40
CA ASN B 147 -2.55 10.68 3.40
C ASN B 147 -3.91 10.42 4.06
N TYR B 148 -4.23 11.23 5.05
CA TYR B 148 -5.53 11.10 5.71
C TYR B 148 -6.67 11.40 4.74
N GLY B 149 -6.46 12.34 3.83
CA GLY B 149 -7.54 12.74 2.92
C GLY B 149 -8.10 11.59 2.13
N GLU B 150 -7.22 10.83 1.46
CA GLU B 150 -7.68 9.67 0.71
C GLU B 150 -8.08 8.53 1.63
N GLY B 151 -7.38 8.36 2.76
CA GLY B 151 -7.78 7.35 3.72
C GLY B 151 -9.17 7.60 4.28
N HIS B 152 -9.49 8.86 4.56
CA HIS B 152 -10.84 9.20 5.02
C HIS B 152 -11.84 9.14 3.87
N ALA B 153 -11.42 9.53 2.67
CA ALA B 153 -12.33 9.49 1.52
C ALA B 153 -12.76 8.08 1.22
N GLN B 154 -11.80 7.14 1.16
CA GLN B 154 -12.11 5.75 0.91
C GLN B 154 -13.16 5.21 1.88
N ALA B 155 -13.01 5.53 3.16
CA ALA B 155 -14.00 5.11 4.14
C ALA B 155 -15.33 5.81 3.91
N THR B 156 -15.30 7.08 3.48
CA THR B 156 -16.53 7.84 3.32
C THR B 156 -17.32 7.38 2.10
N GLN B 157 -16.64 7.13 0.97
CA GLN B 157 -17.33 6.80 -0.27
C GLN B 157 -17.42 5.30 -0.52
N GLY B 158 -17.43 4.50 0.55
CA GLY B 158 -17.88 3.12 0.46
C GLY B 158 -16.92 2.10 -0.11
N THR B 159 -15.66 2.45 -0.36
CA THR B 159 -14.75 1.54 -1.03
C THR B 159 -13.69 1.02 -0.07
N TRP B 160 -12.62 0.45 -0.62
CA TRP B 160 -11.55 -0.15 0.17
C TRP B 160 -10.29 -0.31 -0.68
N ASP B 161 -9.77 0.79 -1.20
CA ASP B 161 -8.61 0.77 -2.09
C ASP B 161 -7.37 1.11 -1.25
N ILE B 162 -6.86 0.08 -0.56
CA ILE B 162 -5.72 0.27 0.34
C ILE B 162 -4.53 0.84 -0.42
N ALA B 163 -4.27 0.34 -1.62
CA ALA B 163 -3.07 0.75 -2.35
C ALA B 163 -3.13 2.22 -2.74
N ALA B 164 -4.32 2.74 -3.03
CA ALA B 164 -4.43 4.16 -3.38
C ALA B 164 -4.02 5.04 -2.21
N VAL B 165 -4.37 4.64 -0.98
CA VAL B 165 -3.95 5.38 0.20
C VAL B 165 -2.46 5.20 0.45
N ALA B 166 -2.00 3.95 0.48
CA ALA B 166 -0.63 3.65 0.88
C ALA B 166 0.39 4.17 -0.12
N ARG B 167 0.00 4.34 -1.38
CA ARG B 167 0.93 4.81 -2.41
C ARG B 167 1.49 6.18 -2.09
N ASP B 168 0.81 6.96 -1.25
CA ASP B 168 1.26 8.29 -0.85
C ASP B 168 1.23 8.44 0.66
N GLU B 169 1.52 7.37 1.39
CA GLU B 169 1.40 7.33 2.85
C GLU B 169 2.77 7.08 3.46
N PHE B 170 3.30 8.08 4.15
CA PHE B 170 4.62 8.00 4.78
C PHE B 170 4.50 8.23 6.28
N ASP B 171 5.45 7.65 7.01
CA ASP B 171 5.57 7.89 8.45
C ASP B 171 6.14 9.29 8.72
N MET B 172 5.86 9.79 9.93
CA MET B 172 6.58 10.96 10.42
C MET B 172 8.02 10.60 10.76
N GLU B 173 8.22 9.43 11.37
CA GLU B 173 9.55 8.93 11.69
C GLU B 173 10.51 9.04 10.52
N ASP B 174 11.75 9.41 10.82
CA ASP B 174 12.88 9.42 9.90
C ASP B 174 12.74 10.47 8.80
N ARG B 175 11.76 11.37 8.91
CA ARG B 175 11.67 12.51 8.01
C ARG B 175 12.47 13.68 8.57
N VAL B 176 12.82 14.61 7.69
CA VAL B 176 13.53 15.82 8.07
C VAL B 176 12.55 16.96 8.11
N PHE B 177 12.42 17.60 9.27
CA PHE B 177 11.51 18.73 9.48
C PHE B 177 12.32 20.00 9.63
N ALA B 178 11.96 21.02 8.86
CA ALA B 178 12.63 22.32 8.90
C ALA B 178 11.61 23.40 9.18
N THR B 179 11.97 24.37 10.02
CA THR B 179 11.07 25.45 10.38
C THR B 179 11.70 26.79 10.06
N ILE B 180 10.94 27.64 9.37
CA ILE B 180 11.35 29.03 9.12
C ILE B 180 10.79 29.85 10.27
N GLY B 181 11.59 30.02 11.30
CA GLY B 181 11.14 30.68 12.51
C GLY B 181 11.06 29.73 13.69
N ALA B 182 11.87 29.98 14.72
CA ALA B 182 11.90 29.16 15.93
C ALA B 182 11.44 29.95 17.14
N GLY B 183 10.40 30.76 16.97
CA GLY B 183 9.80 31.50 18.07
C GLY B 183 8.94 30.62 18.95
N ARG B 184 7.95 31.24 19.59
CA ARG B 184 7.12 30.51 20.55
C ARG B 184 6.37 29.35 19.89
N ILE B 185 5.86 29.57 18.68
CA ILE B 185 5.11 28.51 18.00
C ILE B 185 6.06 27.55 17.31
N GLY B 186 7.01 28.09 16.53
CA GLY B 186 7.99 27.24 15.87
C GLY B 186 8.70 26.29 16.82
N TYR B 187 9.25 26.82 17.91
CA TYR B 187 9.94 25.98 18.88
C TYR B 187 8.99 24.95 19.48
N ARG B 188 7.74 25.34 19.74
CA ARG B 188 6.76 24.39 20.26
C ARG B 188 6.41 23.30 19.25
N ILE B 189 6.60 23.57 17.96
CA ILE B 189 6.42 22.53 16.95
C ILE B 189 7.57 21.54 17.02
N LEU B 190 8.82 22.04 17.06
CA LEU B 190 9.98 21.20 17.27
C LEU B 190 9.82 20.29 18.49
N GLU B 191 9.31 20.85 19.59
CA GLU B 191 9.17 20.08 20.82
C GLU B 191 8.26 18.87 20.63
N ARG B 192 7.14 19.05 19.94
CA ARG B 192 6.18 17.98 19.73
C ARG B 192 6.62 17.01 18.64
N LEU B 193 7.63 17.37 17.85
CA LEU B 193 8.18 16.47 16.84
C LEU B 193 9.14 15.45 17.43
N ILE B 194 9.80 15.79 18.54
CA ILE B 194 10.90 14.97 19.06
C ILE B 194 10.47 13.52 19.25
N ALA B 195 9.30 13.31 19.85
CA ALA B 195 8.85 11.95 20.15
C ALA B 195 8.43 11.18 18.91
N PHE B 196 8.35 11.84 17.75
CA PHE B 196 8.05 11.16 16.50
C PHE B 196 9.29 10.57 15.84
N ASN B 197 10.45 10.72 16.47
CA ASN B 197 11.74 10.21 16.01
C ASN B 197 12.09 10.75 14.63
N PRO B 198 12.27 12.06 14.49
CA PRO B 198 12.70 12.60 13.19
C PRO B 198 14.14 12.22 12.89
N LYS B 199 14.49 12.29 11.60
CA LYS B 199 15.88 12.10 11.24
C LYS B 199 16.72 13.30 11.64
N LYS B 200 16.14 14.50 11.55
CA LYS B 200 16.85 15.74 11.83
C LYS B 200 15.84 16.87 11.90
N LEU B 201 16.12 17.86 12.74
CA LEU B 201 15.32 19.06 12.85
C LEU B 201 16.19 20.25 12.46
N LEU B 202 15.74 21.02 11.47
CA LEU B 202 16.43 22.20 11.01
C LEU B 202 15.60 23.44 11.33
N TYR B 203 16.28 24.58 11.46
CA TYR B 203 15.58 25.83 11.70
C TYR B 203 16.35 26.97 11.04
N TYR B 204 15.63 28.03 10.71
CA TYR B 204 16.18 29.16 9.97
C TYR B 204 15.54 30.44 10.49
N GLN B 205 16.34 31.27 11.15
CA GLN B 205 15.93 32.63 11.49
C GLN B 205 17.16 33.51 11.50
N ARG B 206 16.95 34.79 11.82
CA ARG B 206 18.02 35.77 11.74
C ARG B 206 18.99 35.69 12.91
N ASN B 207 18.53 35.20 14.07
CA ASN B 207 19.39 35.04 15.23
C ASN B 207 19.44 33.57 15.65
N PRO B 208 20.56 33.11 16.19
CA PRO B 208 20.63 31.72 16.65
C PRO B 208 19.82 31.51 17.93
N LEU B 209 19.24 30.32 18.05
CA LEU B 209 18.47 29.96 19.22
C LEU B 209 19.33 30.09 20.48
N PRO B 210 18.71 30.35 21.63
CA PRO B 210 19.44 30.29 22.90
C PRO B 210 20.02 28.90 23.11
N GLU B 211 20.95 28.82 24.07
CA GLU B 211 21.66 27.57 24.31
C GLU B 211 20.77 26.55 25.03
N GLU B 212 20.11 26.97 26.11
CA GLU B 212 19.25 26.05 26.86
C GLU B 212 18.07 25.57 26.03
N ALA B 213 17.73 26.27 24.95
CA ALA B 213 16.70 25.78 24.04
C ALA B 213 17.24 24.64 23.18
N ILE B 214 18.43 24.83 22.60
CA ILE B 214 19.11 23.75 21.88
C ILE B 214 19.34 22.56 22.81
N ASN B 215 19.70 22.82 24.07
CA ASN B 215 19.97 21.73 25.00
C ASN B 215 18.70 21.00 25.39
N LYS B 216 17.57 21.71 25.46
CA LYS B 216 16.31 21.07 25.83
C LYS B 216 15.86 20.08 24.76
N LEU B 217 15.96 20.46 23.49
CA LEU B 217 15.59 19.55 22.41
C LEU B 217 16.52 18.34 22.37
N ASN B 218 17.83 18.58 22.45
CA ASN B 218 18.79 17.48 22.44
C ASN B 218 18.56 16.53 23.62
N ALA B 219 18.27 17.08 24.81
CA ALA B 219 17.95 16.24 25.95
C ALA B 219 16.71 15.40 25.68
N ALA B 220 15.67 16.00 25.09
CA ALA B 220 14.47 15.24 24.76
C ALA B 220 14.77 14.18 23.71
N SER B 221 15.55 14.53 22.68
CA SER B 221 15.98 13.55 21.69
C SER B 221 16.74 12.40 22.34
N LYS B 222 17.67 12.73 23.26
CA LYS B 222 18.41 11.69 23.95
C LYS B 222 17.50 10.82 24.80
N LEU B 223 16.53 11.44 25.48
CA LEU B 223 15.64 10.69 26.36
C LEU B 223 14.72 9.77 25.56
N PHE B 224 14.00 10.33 24.59
CA PHE B 224 13.02 9.55 23.84
C PHE B 224 13.69 8.54 22.91
N ASN B 225 14.63 9.01 22.09
CA ASN B 225 15.12 8.23 20.96
C ASN B 225 16.58 7.79 21.10
N GLY B 226 17.26 8.19 22.17
CA GLY B 226 18.67 7.88 22.28
C GLY B 226 19.54 8.58 21.25
N VAL B 227 19.03 9.64 20.63
CA VAL B 227 19.75 10.38 19.60
C VAL B 227 20.14 11.73 20.18
N ASP B 228 21.27 12.26 19.72
CA ASP B 228 21.79 13.52 20.21
C ASP B 228 22.01 14.47 19.05
N ASN B 229 22.08 15.76 19.38
CA ASN B 229 22.35 16.83 18.40
C ASN B 229 21.35 16.76 17.24
N ILE B 230 20.06 16.70 17.60
CA ILE B 230 19.02 16.55 16.58
C ILE B 230 18.66 17.88 15.93
N ILE B 231 18.94 19.00 16.57
CA ILE B 231 18.62 20.32 16.02
C ILE B 231 19.86 20.89 15.36
N GLU B 232 19.65 21.68 14.31
CA GLU B 232 20.74 22.22 13.52
C GLU B 232 20.25 23.47 12.80
N ARG B 233 21.05 24.54 12.85
CA ARG B 233 20.70 25.78 12.18
C ARG B 233 21.23 25.79 10.76
N VAL B 234 20.33 26.05 9.81
CA VAL B 234 20.71 26.30 8.43
C VAL B 234 20.59 27.80 8.18
N GLU B 235 21.57 28.36 7.47
CA GLU B 235 21.64 29.81 7.30
C GLU B 235 21.25 30.28 5.90
N ASN B 236 21.24 29.39 4.92
CA ASN B 236 20.73 29.70 3.59
C ASN B 236 19.30 29.19 3.47
N LEU B 237 18.41 30.02 2.95
CA LEU B 237 17.01 29.64 2.85
C LEU B 237 16.82 28.52 1.83
N GLU B 238 17.46 28.64 0.67
CA GLU B 238 17.42 27.57 -0.33
C GLU B 238 18.02 26.28 0.23
N ASP B 239 19.08 26.40 1.02
CA ASP B 239 19.69 25.21 1.61
C ASP B 239 18.77 24.53 2.60
N LEU B 240 17.93 25.29 3.31
CA LEU B 240 17.04 24.69 4.30
C LEU B 240 15.94 23.88 3.62
N VAL B 241 15.31 24.43 2.58
CA VAL B 241 14.19 23.74 1.96
C VAL B 241 14.64 22.62 1.03
N SER B 242 15.89 22.63 0.57
CA SER B 242 16.40 21.52 -0.22
C SER B 242 16.52 20.25 0.62
N GLN B 243 16.99 20.38 1.86
CA GLN B 243 17.27 19.22 2.69
C GLN B 243 16.03 18.63 3.34
N ALA B 244 14.93 19.37 3.38
CA ALA B 244 13.80 19.01 4.22
C ALA B 244 12.75 18.21 3.47
N ASP B 245 12.04 17.35 4.20
CA ASP B 245 10.81 16.75 3.73
C ASP B 245 9.59 17.57 4.09
N VAL B 246 9.65 18.29 5.22
CA VAL B 246 8.54 19.09 5.73
C VAL B 246 9.12 20.42 6.20
N VAL B 247 8.63 21.52 5.63
CA VAL B 247 8.99 22.85 6.10
C VAL B 247 7.73 23.54 6.61
N THR B 248 7.83 24.10 7.82
CA THR B 248 6.76 24.89 8.42
C THR B 248 7.15 26.35 8.38
N LEU B 249 6.16 27.21 8.17
CA LEU B 249 6.35 28.65 8.26
C LEU B 249 5.85 29.10 9.63
N ASN B 250 6.73 29.71 10.41
CA ASN B 250 6.41 30.14 11.76
C ASN B 250 7.14 31.44 12.07
N CYS B 251 7.05 32.38 11.14
CA CYS B 251 7.65 33.69 11.24
C CYS B 251 6.61 34.71 10.82
N PRO B 252 6.85 36.00 11.03
CA PRO B 252 5.81 36.98 10.71
C PRO B 252 6.03 37.72 9.41
N LEU B 253 5.03 38.50 8.99
CA LEU B 253 5.05 39.22 7.73
C LEU B 253 5.98 40.42 7.78
N TYR B 254 7.29 40.17 7.91
CA TYR B 254 8.27 41.25 8.04
C TYR B 254 8.55 41.93 6.71
N GLU B 255 7.50 42.36 6.02
CA GLU B 255 7.62 43.20 4.83
C GLU B 255 8.40 42.51 3.71
N LYS B 256 9.72 42.39 3.88
CA LYS B 256 10.52 41.68 2.89
C LYS B 256 10.35 40.16 2.98
N SER B 257 9.69 39.66 4.02
CA SER B 257 9.26 38.26 4.05
C SER B 257 7.97 38.03 3.28
N LYS B 258 7.34 39.10 2.77
CA LYS B 258 6.12 38.94 1.98
C LYS B 258 6.44 38.24 0.67
N GLY B 259 5.72 37.15 0.40
CA GLY B 259 5.90 36.42 -0.84
C GLY B 259 7.25 35.75 -0.99
N MET B 260 7.93 35.46 0.11
CA MET B 260 9.25 34.84 0.02
C MET B 260 9.17 33.41 -0.51
N PHE B 261 8.15 32.65 -0.09
CA PHE B 261 7.96 31.28 -0.56
C PHE B 261 7.34 31.33 -1.95
N ASN B 262 8.19 31.59 -2.94
CA ASN B 262 7.78 31.87 -4.30
C ASN B 262 8.08 30.67 -5.21
N LYS B 263 7.84 30.87 -6.52
CA LYS B 263 8.05 29.83 -7.51
C LYS B 263 9.44 29.23 -7.43
N GLU B 264 10.47 30.08 -7.31
CA GLU B 264 11.84 29.59 -7.29
C GLU B 264 12.11 28.74 -6.05
N LEU B 265 11.76 29.26 -4.87
CA LEU B 265 12.05 28.55 -3.63
C LEU B 265 11.32 27.21 -3.57
N ILE B 266 10.07 27.18 -4.03
CA ILE B 266 9.33 25.92 -4.10
C ILE B 266 10.05 24.94 -5.01
N SER B 267 10.57 25.43 -6.14
CA SER B 267 11.23 24.56 -7.11
C SER B 267 12.46 23.88 -6.52
N LYS B 268 13.09 24.49 -5.51
CA LYS B 268 14.28 23.92 -4.89
C LYS B 268 13.96 22.81 -3.91
N MET B 269 12.69 22.56 -3.61
CA MET B 269 12.33 21.47 -2.72
C MET B 269 12.25 20.16 -3.48
N LYS B 270 12.46 19.06 -2.76
CA LYS B 270 12.32 17.75 -3.37
C LYS B 270 10.88 17.52 -3.82
N LYS B 271 10.71 16.84 -4.94
CA LYS B 271 9.37 16.47 -5.39
C LYS B 271 8.71 15.58 -4.35
N GLY B 272 7.46 15.89 -4.04
CA GLY B 272 6.74 15.16 -3.01
C GLY B 272 7.01 15.64 -1.61
N SER B 273 7.53 16.85 -1.45
CA SER B 273 7.74 17.43 -0.13
C SER B 273 6.45 18.02 0.40
N TYR B 274 6.51 18.60 1.60
CA TYR B 274 5.33 19.10 2.29
C TYR B 274 5.61 20.50 2.83
N VAL B 275 4.61 21.38 2.72
CA VAL B 275 4.70 22.75 3.20
C VAL B 275 3.53 23.00 4.14
N ILE B 276 3.85 23.35 5.38
CA ILE B 276 2.84 23.75 6.37
C ILE B 276 3.00 25.24 6.62
N ASN B 277 1.86 25.94 6.72
CA ASN B 277 1.90 27.39 6.95
C ASN B 277 0.70 27.75 7.83
N THR B 278 0.91 27.68 9.13
CA THR B 278 -0.02 28.23 10.10
C THR B 278 0.38 29.65 10.52
N ALA B 279 1.29 30.29 9.78
CA ALA B 279 1.79 31.60 10.15
C ALA B 279 0.95 32.68 9.48
N ARG B 280 1.38 33.14 8.30
CA ARG B 280 0.64 34.13 7.53
C ARG B 280 0.59 33.69 6.07
N GLY B 281 -0.61 33.72 5.49
CA GLY B 281 -0.76 33.30 4.10
C GLY B 281 0.11 34.08 3.14
N ALA B 282 0.27 35.39 3.38
CA ALA B 282 1.02 36.24 2.46
C ALA B 282 2.52 35.99 2.47
N LEU B 283 3.01 35.12 3.36
CA LEU B 283 4.41 34.71 3.28
C LEU B 283 4.71 33.99 1.98
N THR B 284 3.69 33.38 1.37
CA THR B 284 3.84 32.64 0.13
C THR B 284 3.46 33.49 -1.07
N ASP B 285 3.90 33.03 -2.24
CA ASP B 285 3.31 33.42 -3.52
C ASP B 285 2.09 32.51 -3.69
N PRO B 286 0.88 33.02 -3.41
CA PRO B 286 -0.27 32.11 -3.28
C PRO B 286 -0.56 31.29 -4.52
N GLN B 287 -0.43 31.88 -5.72
CA GLN B 287 -0.66 31.12 -6.94
C GLN B 287 0.48 30.14 -7.21
N ALA B 288 1.70 30.47 -6.79
CA ALA B 288 2.80 29.54 -6.94
C ALA B 288 2.61 28.31 -6.06
N ILE B 289 2.02 28.49 -4.88
CA ILE B 289 1.69 27.35 -4.02
C ILE B 289 0.67 26.46 -4.73
N ALA B 290 -0.39 27.08 -5.27
CA ALA B 290 -1.43 26.32 -5.97
C ALA B 290 -0.85 25.58 -7.17
N ASP B 291 -0.02 26.26 -7.96
CA ASP B 291 0.62 25.61 -9.10
C ASP B 291 1.43 24.39 -8.68
N ALA B 292 2.18 24.50 -7.59
CA ALA B 292 3.07 23.43 -7.17
C ALA B 292 2.31 22.28 -6.50
N VAL B 293 1.15 22.56 -5.90
CA VAL B 293 0.31 21.48 -5.38
C VAL B 293 -0.38 20.76 -6.53
N ASN B 294 -0.93 21.51 -7.48
CA ASN B 294 -1.66 20.90 -8.58
C ASN B 294 -0.74 20.11 -9.50
N SER B 295 0.54 20.47 -9.55
CA SER B 295 1.53 19.70 -10.30
C SER B 295 2.04 18.50 -9.54
N GLY B 296 1.77 18.41 -8.24
CA GLY B 296 2.25 17.31 -7.43
C GLY B 296 3.64 17.48 -6.86
N HIS B 297 4.29 18.63 -7.10
CA HIS B 297 5.63 18.84 -6.55
C HIS B 297 5.61 18.90 -5.04
N ILE B 298 4.55 19.46 -4.44
CA ILE B 298 4.42 19.54 -3.00
C ILE B 298 2.98 19.28 -2.59
N ALA B 299 2.81 19.00 -1.30
CA ALA B 299 1.52 19.07 -0.63
C ALA B 299 1.53 20.26 0.31
N TYR B 300 0.36 20.83 0.57
CA TYR B 300 0.27 22.08 1.32
C TYR B 300 -0.88 22.02 2.31
N GLY B 301 -0.65 22.60 3.49
CA GLY B 301 -1.66 22.64 4.52
C GLY B 301 -1.42 23.82 5.45
N GLY B 302 -2.50 24.24 6.09
CA GLY B 302 -2.46 25.42 6.94
C GLY B 302 -3.84 26.02 7.07
N ASP B 303 -3.92 27.06 7.88
CA ASP B 303 -5.20 27.71 8.14
C ASP B 303 -5.21 29.20 7.87
N VAL B 304 -4.08 29.81 7.52
CA VAL B 304 -4.02 31.25 7.26
C VAL B 304 -4.03 31.49 5.77
N TRP B 305 -4.69 32.56 5.36
CA TRP B 305 -4.90 32.91 3.96
C TRP B 305 -4.46 34.35 3.73
N PRO B 306 -4.15 34.72 2.49
CA PRO B 306 -3.71 36.11 2.23
C PRO B 306 -4.79 37.13 2.46
N VAL B 307 -6.06 36.78 2.23
CA VAL B 307 -7.19 37.68 2.42
C VAL B 307 -8.27 36.91 3.16
N GLN B 308 -8.74 37.48 4.27
CA GLN B 308 -9.70 36.79 5.14
C GLN B 308 -10.92 37.67 5.35
N PRO B 309 -12.14 37.17 5.08
CA PRO B 309 -12.46 35.80 4.67
C PRO B 309 -11.98 35.50 3.26
N ALA B 310 -11.64 34.25 2.96
CA ALA B 310 -11.06 33.96 1.66
C ALA B 310 -12.14 33.94 0.58
N PRO B 311 -11.83 34.47 -0.60
CA PRO B 311 -12.80 34.42 -1.70
C PRO B 311 -13.21 33.00 -2.01
N LYS B 312 -14.42 32.84 -2.56
CA LYS B 312 -14.89 31.52 -2.96
C LYS B 312 -13.96 30.91 -4.00
N ASP B 313 -13.47 31.72 -4.93
CA ASP B 313 -12.65 31.23 -6.03
C ASP B 313 -11.17 31.12 -5.69
N MET B 314 -10.82 31.25 -4.42
CA MET B 314 -9.40 31.23 -4.04
C MET B 314 -8.79 29.88 -4.41
N PRO B 315 -7.67 29.85 -5.14
CA PRO B 315 -7.16 28.57 -5.66
C PRO B 315 -6.82 27.56 -4.59
N TRP B 316 -6.53 27.99 -3.36
CA TRP B 316 -6.19 27.04 -2.31
C TRP B 316 -7.38 26.19 -1.88
N ARG B 317 -8.61 26.62 -2.16
CA ARG B 317 -9.77 25.86 -1.77
C ARG B 317 -9.97 24.60 -2.60
N THR B 318 -9.34 24.51 -3.76
CA THR B 318 -9.50 23.37 -4.66
C THR B 318 -8.19 22.77 -5.11
N MET B 319 -7.05 23.24 -4.60
CA MET B 319 -5.77 22.57 -4.78
C MET B 319 -5.88 21.08 -4.50
N HIS B 320 -5.21 20.28 -5.32
CA HIS B 320 -4.97 18.88 -4.97
C HIS B 320 -3.90 18.31 -5.89
N ASN B 321 -3.23 17.27 -5.39
CA ASN B 321 -2.25 16.55 -6.19
C ASN B 321 -2.93 15.80 -7.31
N PRO B 322 -2.19 15.51 -8.40
CA PRO B 322 -2.79 14.76 -9.53
C PRO B 322 -3.44 13.44 -9.13
N TYR B 323 -2.96 12.79 -8.08
CA TYR B 323 -3.50 11.49 -7.67
C TYR B 323 -5.00 11.53 -7.37
N GLY B 324 -5.55 12.69 -7.10
CA GLY B 324 -6.96 12.78 -6.75
C GLY B 324 -7.26 14.03 -5.93
N LYS B 325 -8.55 14.35 -5.85
CA LYS B 325 -9.01 15.54 -5.13
C LYS B 325 -8.57 15.54 -3.67
N ASP B 326 -8.48 14.38 -3.03
CA ASP B 326 -8.18 14.29 -1.62
C ASP B 326 -6.70 13.98 -1.35
N TYR B 327 -5.83 14.31 -2.30
CA TYR B 327 -4.39 14.15 -2.14
C TYR B 327 -3.74 15.53 -2.04
N GLY B 328 -3.03 15.78 -0.94
CA GLY B 328 -2.11 16.90 -0.88
C GLY B 328 -2.68 18.23 -0.47
N ASN B 329 -3.95 18.29 -0.08
CA ASN B 329 -4.56 19.53 0.38
C ASN B 329 -5.09 19.32 1.80
N ALA B 330 -4.53 20.04 2.75
CA ALA B 330 -5.05 20.03 4.12
C ALA B 330 -5.36 21.45 4.57
N MET B 331 -6.02 22.22 3.71
CA MET B 331 -6.43 23.57 4.08
C MET B 331 -7.54 23.52 5.12
N THR B 332 -7.50 24.47 6.05
CA THR B 332 -8.67 24.79 6.85
C THR B 332 -8.88 26.29 6.88
N VAL B 333 -10.14 26.68 7.08
CA VAL B 333 -10.51 28.03 7.46
C VAL B 333 -9.76 28.41 8.74
N HIS B 334 -9.49 29.70 8.94
CA HIS B 334 -8.58 30.16 9.98
C HIS B 334 -9.19 29.95 11.36
N VAL B 335 -8.80 28.88 12.04
CA VAL B 335 -9.44 28.48 13.29
C VAL B 335 -8.46 28.13 14.41
N SER B 336 -7.19 27.84 14.12
CA SER B 336 -6.32 27.23 15.13
C SER B 336 -6.22 28.09 16.38
N GLY B 337 -5.98 29.39 16.20
CA GLY B 337 -5.89 30.31 17.32
C GLY B 337 -7.18 30.60 18.05
N THR B 338 -8.31 30.07 17.58
CA THR B 338 -9.61 30.40 18.17
C THR B 338 -10.36 29.16 18.66
N SER B 339 -9.62 28.14 19.09
CA SER B 339 -10.24 27.07 19.86
C SER B 339 -10.84 27.63 21.14
N LEU B 340 -11.81 26.91 21.70
CA LEU B 340 -12.50 27.38 22.90
C LEU B 340 -11.51 27.67 24.02
N ASP B 341 -10.49 26.82 24.18
CA ASP B 341 -9.48 27.07 25.21
C ASP B 341 -8.69 28.34 24.90
N ALA B 342 -8.38 28.57 23.62
CA ALA B 342 -7.66 29.78 23.24
C ALA B 342 -8.53 31.02 23.43
N GLN B 343 -9.81 30.93 23.08
CA GLN B 343 -10.70 32.09 23.20
C GLN B 343 -10.78 32.57 24.64
N ALA B 344 -10.83 31.63 25.59
CA ALA B 344 -10.82 32.02 27.00
C ALA B 344 -9.56 32.78 27.37
N ARG B 345 -8.42 32.35 26.81
CA ARG B 345 -7.15 33.01 27.15
C ARG B 345 -7.09 34.43 26.61
N TYR B 346 -7.37 34.62 25.32
CA TYR B 346 -7.18 35.95 24.76
C TYR B 346 -8.36 36.89 25.01
N ALA B 347 -9.51 36.37 25.46
CA ALA B 347 -10.56 37.27 25.93
C ALA B 347 -10.18 37.89 27.27
N ASN B 348 -9.67 37.07 28.19
CA ASN B 348 -9.12 37.60 29.43
C ASN B 348 -7.93 38.51 29.15
N GLY B 349 -7.14 38.20 28.11
CA GLY B 349 -6.02 39.06 27.77
C GLY B 349 -6.45 40.44 27.29
N VAL B 350 -7.49 40.49 26.45
CA VAL B 350 -8.01 41.78 26.01
C VAL B 350 -8.61 42.55 27.18
N LYS B 351 -9.17 41.84 28.15
CA LYS B 351 -9.75 42.49 29.32
C LYS B 351 -8.68 43.20 30.15
N GLN B 352 -7.52 42.54 30.35
CA GLN B 352 -6.46 43.15 31.13
C GLN B 352 -5.86 44.36 30.41
N ILE B 353 -5.73 44.29 29.08
CA ILE B 353 -5.19 45.42 28.33
C ILE B 353 -6.11 46.63 28.46
N LEU B 354 -7.42 46.40 28.40
CA LEU B 354 -8.37 47.50 28.51
C LEU B 354 -8.41 48.05 29.94
N THR B 355 -8.33 47.16 30.94
CA THR B 355 -8.27 47.60 32.33
C THR B 355 -7.09 48.54 32.55
N GLU B 356 -5.90 48.12 32.12
CA GLU B 356 -4.71 48.97 32.24
C GLU B 356 -4.93 50.32 31.57
N TYR B 357 -5.60 50.32 30.42
CA TYR B 357 -5.80 51.56 29.68
C TYR B 357 -6.84 52.45 30.35
N PHE B 358 -7.98 51.87 30.75
CA PHE B 358 -9.05 52.66 31.34
C PHE B 358 -8.62 53.25 32.67
N ASP B 359 -8.00 52.45 33.52
CA ASP B 359 -7.45 52.94 34.79
C ASP B 359 -6.28 53.89 34.60
N LYS B 360 -5.85 54.12 33.37
CA LYS B 360 -4.76 55.04 33.05
C LYS B 360 -3.47 54.69 33.81
N THR B 361 -3.26 53.41 34.05
CA THR B 361 -1.99 52.92 34.60
C THR B 361 -1.06 52.37 33.53
N TYR B 362 -1.61 51.69 32.52
CA TYR B 362 -0.87 51.24 31.34
C TYR B 362 0.25 50.27 31.69
N LYS B 363 0.02 49.42 32.69
CA LYS B 363 1.00 48.38 33.04
C LYS B 363 0.75 47.13 32.19
N TYR B 364 0.91 47.31 30.88
CA TYR B 364 0.78 46.21 29.94
C TYR B 364 1.92 45.22 30.11
N ARG B 365 1.62 43.96 29.83
CA ARG B 365 2.67 42.96 29.67
C ARG B 365 3.53 43.37 28.48
N PRO B 366 4.85 43.50 28.66
CA PRO B 366 5.69 44.02 27.56
C PRO B 366 5.69 43.13 26.33
N GLN B 367 5.51 41.82 26.48
CA GLN B 367 5.42 40.94 25.32
C GLN B 367 4.15 41.18 24.52
N ASP B 368 3.14 41.80 25.11
CA ASP B 368 1.89 42.12 24.42
C ASP B 368 1.99 43.33 23.53
N VAL B 369 3.05 44.14 23.66
CA VAL B 369 3.14 45.41 22.96
C VAL B 369 3.76 45.20 21.59
N ILE B 370 3.06 45.64 20.56
CA ILE B 370 3.55 45.58 19.18
C ILE B 370 4.07 46.93 18.72
N CYS B 371 3.30 47.99 18.98
CA CYS B 371 3.75 49.35 18.75
C CYS B 371 3.32 50.21 19.93
N ILE B 372 4.11 51.26 20.20
CA ILE B 372 3.81 52.20 21.27
C ILE B 372 4.72 53.41 21.13
N ASP B 373 4.19 54.60 21.45
CA ASP B 373 4.96 55.84 21.49
C ASP B 373 5.64 56.14 20.14
N GLY B 374 5.04 55.68 19.05
CA GLY B 374 5.53 56.00 17.73
C GLY B 374 6.57 55.06 17.16
N HIS B 375 6.87 53.95 17.84
CA HIS B 375 7.90 53.03 17.39
C HIS B 375 7.40 51.60 17.56
N TYR B 376 8.00 50.70 16.76
CA TYR B 376 7.80 49.27 16.99
C TYR B 376 8.38 48.88 18.34
N ALA B 377 7.79 47.87 18.96
CA ALA B 377 8.22 47.41 20.28
C ALA B 377 8.50 45.91 20.28
N THR B 378 8.84 45.35 19.13
CA THR B 378 9.03 43.91 19.02
C THR B 378 9.73 43.61 17.70
N THR B 379 10.31 42.42 17.63
CA THR B 379 10.90 41.92 16.39
C THR B 379 9.90 41.18 15.52
N SER B 380 8.71 40.89 16.04
CA SER B 380 7.69 40.15 15.32
C SER B 380 7.00 40.97 14.22
N TYR B 381 7.33 42.25 14.07
CA TYR B 381 6.74 43.07 13.01
C TYR B 381 7.71 44.19 12.67
N GLY B 382 7.57 44.71 11.46
CA GLY B 382 8.46 45.78 11.00
C GLY B 382 8.39 46.06 9.51
N MET C 9 0.06 -33.93 -5.85
CA MET C 9 1.43 -34.44 -5.88
C MET C 9 2.38 -33.48 -6.57
N GLY C 10 1.96 -32.23 -6.68
CA GLY C 10 2.82 -31.18 -7.21
C GLY C 10 3.81 -30.69 -6.18
N LYS C 11 4.46 -29.57 -6.53
CA LYS C 11 5.33 -28.88 -5.59
C LYS C 11 4.53 -28.42 -4.37
N PRO C 12 5.20 -28.17 -3.24
CA PRO C 12 4.49 -27.61 -2.09
C PRO C 12 4.22 -26.13 -2.29
N LYS C 13 3.04 -25.70 -1.85
CA LYS C 13 2.49 -24.39 -2.21
C LYS C 13 2.63 -23.40 -1.06
N VAL C 14 3.06 -22.19 -1.38
CA VAL C 14 2.93 -21.03 -0.51
C VAL C 14 1.75 -20.22 -1.02
N LEU C 15 0.71 -20.08 -0.19
CA LEU C 15 -0.53 -19.40 -0.56
C LEU C 15 -0.55 -18.04 0.12
N MET C 16 -0.48 -16.98 -0.68
CA MET C 16 -0.37 -15.61 -0.19
C MET C 16 -1.59 -14.80 -0.63
N ALA C 17 -2.25 -14.16 0.34
CA ALA C 17 -3.39 -13.29 0.08
C ALA C 17 -3.03 -11.87 0.47
N LEU C 18 -2.91 -10.98 -0.52
CA LEU C 18 -2.62 -9.57 -0.31
C LEU C 18 -3.66 -8.74 -1.06
N TYR C 19 -3.70 -7.45 -0.76
CA TYR C 19 -4.55 -6.58 -1.57
C TYR C 19 -3.84 -6.26 -2.88
N SER C 20 -4.64 -5.89 -3.88
CA SER C 20 -4.12 -5.59 -5.21
C SER C 20 -3.95 -4.09 -5.37
N GLY C 21 -2.87 -3.70 -6.06
CA GLY C 21 -2.63 -2.30 -6.32
C GLY C 21 -2.54 -1.96 -7.79
N GLY C 22 -2.78 -2.94 -8.65
CA GLY C 22 -2.79 -2.76 -10.08
C GLY C 22 -1.65 -1.94 -10.65
N LYS C 23 -2.00 -0.95 -11.48
CA LYS C 23 -1.02 -0.11 -12.15
C LYS C 23 -0.20 0.69 -11.15
N LEU C 24 -0.81 1.09 -10.02
CA LEU C 24 -0.07 1.76 -8.96
C LEU C 24 1.10 0.90 -8.48
N ALA C 25 0.81 -0.34 -8.12
CA ALA C 25 1.85 -1.21 -7.57
C ALA C 25 2.87 -1.61 -8.64
N LYS C 26 2.42 -1.78 -9.88
CA LYS C 26 3.35 -2.11 -10.96
C LYS C 26 4.34 -0.99 -11.22
N GLU C 27 3.96 0.26 -10.90
CA GLU C 27 4.83 1.41 -11.12
C GLU C 27 5.47 1.94 -9.85
N GLU C 28 5.04 1.46 -8.68
CA GLU C 28 5.64 1.85 -7.40
C GLU C 28 6.21 0.61 -6.72
N PRO C 29 7.50 0.33 -6.85
CA PRO C 29 8.06 -0.87 -6.22
C PRO C 29 8.02 -0.85 -4.70
N ARG C 30 7.83 0.31 -4.07
CA ARG C 30 7.74 0.36 -2.63
C ARG C 30 6.44 -0.23 -2.11
N LEU C 31 5.44 -0.41 -2.97
CA LEU C 31 4.18 -1.07 -2.59
C LEU C 31 4.39 -2.59 -2.56
N LEU C 32 5.24 -3.02 -1.62
CA LEU C 32 5.60 -4.43 -1.52
C LEU C 32 4.46 -5.29 -0.99
N GLY C 33 3.52 -4.70 -0.26
CA GLY C 33 2.45 -5.48 0.34
C GLY C 33 1.31 -5.79 -0.61
N THR C 34 1.58 -5.75 -1.91
CA THR C 34 0.57 -5.95 -2.93
C THR C 34 0.79 -7.27 -3.65
N VAL C 35 -0.32 -7.81 -4.19
CA VAL C 35 -0.24 -8.98 -5.07
C VAL C 35 0.77 -8.76 -6.18
N GLU C 36 0.80 -7.55 -6.73
CA GLU C 36 1.69 -7.25 -7.85
C GLU C 36 3.15 -7.45 -7.48
N ASN C 37 3.55 -7.02 -6.27
CA ASN C 37 4.96 -7.02 -5.90
C ASN C 37 5.34 -8.16 -4.95
N GLU C 38 4.37 -8.84 -4.36
CA GLU C 38 4.57 -10.13 -3.70
C GLU C 38 5.60 -10.08 -2.56
N LEU C 39 5.75 -8.93 -1.92
CA LEU C 39 6.67 -8.75 -0.78
C LEU C 39 8.12 -9.01 -1.14
N GLY C 40 8.43 -9.25 -2.42
CA GLY C 40 9.79 -9.54 -2.82
C GLY C 40 10.28 -10.93 -2.45
N ILE C 41 9.39 -11.87 -2.17
CA ILE C 41 9.75 -13.17 -1.65
C ILE C 41 9.61 -14.28 -2.69
N ARG C 42 9.46 -13.93 -3.97
CA ARG C 42 9.26 -14.98 -4.97
C ARG C 42 10.56 -15.75 -5.22
N LYS C 43 11.67 -15.04 -5.36
CA LYS C 43 12.96 -15.70 -5.56
C LYS C 43 13.24 -16.72 -4.45
N LEU C 44 13.07 -16.30 -3.20
CA LEU C 44 13.31 -17.19 -2.07
C LEU C 44 12.40 -18.41 -2.11
N VAL C 45 11.10 -18.19 -2.37
CA VAL C 45 10.13 -19.29 -2.34
C VAL C 45 10.45 -20.31 -3.43
N GLU C 46 10.92 -19.85 -4.59
CA GLU C 46 11.22 -20.77 -5.68
C GLU C 46 12.61 -21.37 -5.55
N GLU C 47 13.57 -20.62 -4.99
CA GLU C 47 14.89 -21.17 -4.69
C GLU C 47 14.79 -22.46 -3.88
N HIS C 48 13.76 -22.61 -3.06
CA HIS C 48 13.60 -23.76 -2.19
C HIS C 48 12.55 -24.74 -2.71
N GLY C 49 12.23 -24.68 -4.00
CA GLY C 49 11.34 -25.65 -4.62
C GLY C 49 9.88 -25.52 -4.24
N TYR C 50 9.41 -24.31 -3.96
CA TYR C 50 8.02 -24.07 -3.60
C TYR C 50 7.32 -23.28 -4.70
N GLU C 51 6.02 -23.51 -4.84
CA GLU C 51 5.17 -22.77 -5.78
C GLU C 51 4.47 -21.64 -5.03
N LEU C 52 4.69 -20.41 -5.48
CA LEU C 52 4.08 -19.24 -4.86
C LEU C 52 2.79 -18.88 -5.57
N VAL C 53 1.67 -18.98 -4.86
CA VAL C 53 0.36 -18.60 -5.38
C VAL C 53 -0.09 -17.34 -4.64
N THR C 54 -0.04 -16.21 -5.33
CA THR C 54 -0.48 -14.93 -4.78
C THR C 54 -1.81 -14.52 -5.42
N THR C 55 -2.73 -14.05 -4.58
CA THR C 55 -4.07 -13.72 -5.06
C THR C 55 -4.71 -12.69 -4.14
N ALA C 56 -5.49 -11.78 -4.72
CA ALA C 56 -6.37 -10.90 -3.98
C ALA C 56 -7.79 -11.43 -3.90
N ASP C 57 -8.06 -12.60 -4.47
CA ASP C 57 -9.40 -13.18 -4.52
C ASP C 57 -9.56 -14.06 -3.30
N LYS C 58 -10.05 -13.47 -2.21
CA LYS C 58 -10.03 -14.10 -0.90
C LYS C 58 -11.40 -14.42 -0.34
N ASP C 59 -12.49 -13.92 -0.94
CA ASP C 59 -13.79 -14.19 -0.36
C ASP C 59 -14.70 -14.90 -1.36
N PRO C 60 -16.02 -14.82 -1.22
CA PRO C 60 -16.83 -16.04 -1.31
C PRO C 60 -16.07 -17.31 -0.95
N PHE C 61 -16.18 -17.72 0.32
CA PHE C 61 -15.88 -19.10 0.69
C PHE C 61 -17.05 -19.98 0.28
N PRO C 62 -16.80 -21.16 -0.30
CA PRO C 62 -15.51 -21.79 -0.58
C PRO C 62 -15.03 -21.66 -2.02
N SER C 63 -15.50 -20.67 -2.78
CA SER C 63 -15.24 -20.63 -4.22
C SER C 63 -14.04 -19.77 -4.61
N SER C 64 -13.43 -19.04 -3.67
CA SER C 64 -12.37 -18.12 -4.01
C SER C 64 -11.14 -18.85 -4.53
N THR C 65 -10.31 -18.10 -5.28
CA THR C 65 -8.98 -18.57 -5.61
C THR C 65 -8.23 -19.02 -4.36
N PHE C 66 -8.39 -18.27 -3.27
CA PHE C 66 -7.75 -18.63 -2.00
C PHE C 66 -8.20 -20.00 -1.53
N ASP C 67 -9.52 -20.21 -1.44
CA ASP C 67 -10.05 -21.49 -0.99
C ASP C 67 -9.59 -22.65 -1.88
N LYS C 68 -9.61 -22.44 -3.20
CA LYS C 68 -9.30 -23.52 -4.14
C LYS C 68 -7.84 -23.95 -4.06
N ASN C 69 -6.96 -23.14 -3.49
CA ASN C 69 -5.55 -23.50 -3.32
C ASN C 69 -5.21 -23.91 -1.90
N LEU C 70 -6.22 -24.07 -1.04
CA LEU C 70 -5.97 -24.57 0.31
C LEU C 70 -5.46 -26.02 0.35
N PRO C 71 -5.94 -26.96 -0.46
CA PRO C 71 -5.56 -28.36 -0.25
C PRO C 71 -4.06 -28.63 -0.30
N ASP C 72 -3.27 -27.80 -0.98
CA ASP C 72 -1.83 -28.00 -1.05
C ASP C 72 -1.05 -26.88 -0.37
N ALA C 73 -1.71 -26.02 0.39
CA ALA C 73 -1.02 -24.93 1.06
C ALA C 73 -0.23 -25.46 2.24
N GLU C 74 1.09 -25.30 2.18
CA GLU C 74 1.97 -25.60 3.31
C GLU C 74 2.20 -24.35 4.16
N ILE C 75 2.52 -23.23 3.49
CA ILE C 75 2.65 -21.93 4.14
C ILE C 75 1.52 -21.05 3.64
N ILE C 76 0.85 -20.36 4.57
CA ILE C 76 -0.14 -19.35 4.24
C ILE C 76 0.36 -18.00 4.71
N ILE C 77 0.35 -17.01 3.82
CA ILE C 77 0.71 -15.64 4.14
C ILE C 77 -0.50 -14.76 3.94
N THR C 78 -0.86 -14.00 4.97
CA THR C 78 -1.96 -13.05 4.93
C THR C 78 -1.44 -11.66 5.25
N THR C 79 -2.36 -10.69 5.30
CA THR C 79 -2.04 -9.31 5.64
C THR C 79 -3.28 -8.71 6.27
N PRO C 80 -3.14 -7.94 7.35
CA PRO C 80 -4.33 -7.53 8.12
C PRO C 80 -5.18 -6.50 7.39
N PHE C 81 -4.57 -5.66 6.54
CA PHE C 81 -5.31 -4.62 5.84
C PHE C 81 -6.29 -5.18 4.83
N PHE C 82 -6.06 -6.40 4.36
CA PHE C 82 -6.96 -7.09 3.43
C PHE C 82 -6.89 -8.57 3.73
N PRO C 83 -7.60 -9.02 4.78
CA PRO C 83 -7.24 -10.30 5.40
C PRO C 83 -8.07 -11.48 4.95
N ALA C 84 -7.40 -12.53 4.49
CA ALA C 84 -8.05 -13.82 4.29
C ALA C 84 -8.34 -14.44 5.65
N TYR C 85 -9.63 -14.67 5.93
CA TYR C 85 -10.04 -15.18 7.24
C TYR C 85 -9.80 -16.69 7.26
N VAL C 86 -8.73 -17.08 7.94
CA VAL C 86 -8.33 -18.50 7.98
C VAL C 86 -9.13 -19.14 9.12
N THR C 87 -10.36 -19.53 8.80
CA THR C 87 -11.29 -20.05 9.77
C THR C 87 -11.08 -21.56 9.95
N LYS C 88 -11.75 -22.10 10.98
CA LYS C 88 -11.69 -23.53 11.26
C LYS C 88 -12.06 -24.35 10.02
N GLU C 89 -13.15 -23.97 9.36
CA GLU C 89 -13.60 -24.66 8.16
C GLU C 89 -12.50 -24.67 7.09
N ARG C 90 -11.81 -23.55 6.91
CA ARG C 90 -10.75 -23.49 5.91
C ARG C 90 -9.53 -24.29 6.34
N ILE C 91 -9.22 -24.30 7.64
CA ILE C 91 -8.09 -25.09 8.14
C ILE C 91 -8.32 -26.59 7.95
N ALA C 92 -9.58 -27.04 8.05
CA ALA C 92 -9.91 -28.45 7.85
C ALA C 92 -9.72 -28.88 6.40
N LYS C 93 -9.60 -27.91 5.51
CA LYS C 93 -9.44 -28.08 4.08
C LYS C 93 -8.01 -27.93 3.61
N ALA C 94 -7.08 -27.67 4.54
CA ALA C 94 -5.66 -27.50 4.26
C ALA C 94 -4.90 -28.56 5.04
N PRO C 95 -4.87 -29.80 4.56
CA PRO C 95 -4.31 -30.90 5.38
C PRO C 95 -2.80 -30.85 5.56
N LYS C 96 -2.06 -30.12 4.73
CA LYS C 96 -0.62 -30.04 4.85
C LYS C 96 -0.14 -28.65 5.26
N LEU C 97 -1.04 -27.82 5.79
CA LEU C 97 -0.64 -26.53 6.33
C LEU C 97 0.33 -26.73 7.48
N LYS C 98 1.47 -26.03 7.42
CA LYS C 98 2.45 -26.05 8.49
C LYS C 98 2.66 -24.70 9.16
N LEU C 99 2.51 -23.60 8.43
CA LEU C 99 2.92 -22.29 8.92
C LEU C 99 2.01 -21.21 8.37
N CYS C 100 1.63 -20.27 9.22
CA CYS C 100 0.91 -19.06 8.83
C CYS C 100 1.73 -17.85 9.22
N VAL C 101 1.93 -16.93 8.26
CA VAL C 101 2.71 -15.72 8.48
C VAL C 101 1.84 -14.52 8.14
N THR C 102 1.82 -13.53 9.02
CA THR C 102 1.08 -12.29 8.80
C THR C 102 2.03 -11.22 8.28
N ALA C 103 1.76 -10.73 7.07
CA ALA C 103 2.55 -9.64 6.49
C ALA C 103 2.12 -8.35 7.18
N GLY C 104 2.69 -8.14 8.36
CA GLY C 104 2.32 -7.01 9.21
C GLY C 104 2.17 -7.43 10.65
N VAL C 105 1.25 -6.77 11.38
CA VAL C 105 1.02 -7.06 12.79
C VAL C 105 -0.49 -7.14 13.02
N GLY C 106 -0.92 -8.17 13.72
CA GLY C 106 -2.34 -8.37 13.96
C GLY C 106 -2.84 -9.64 13.30
N SER C 107 -3.13 -10.68 14.10
CA SER C 107 -3.43 -12.00 13.57
C SER C 107 -4.76 -12.53 14.06
N ASP C 108 -5.69 -11.64 14.42
CA ASP C 108 -7.00 -12.07 14.88
C ASP C 108 -7.80 -12.75 13.78
N HIS C 109 -7.41 -12.58 12.51
CA HIS C 109 -8.15 -13.16 11.39
C HIS C 109 -7.82 -14.63 11.17
N TYR C 110 -6.92 -15.22 11.95
CA TYR C 110 -6.80 -16.66 12.01
C TYR C 110 -7.65 -17.20 13.15
N ASP C 111 -8.06 -18.46 13.03
CA ASP C 111 -8.60 -19.20 14.16
C ASP C 111 -7.40 -19.80 14.88
N LEU C 112 -6.83 -19.00 15.80
CA LEU C 112 -5.59 -19.39 16.46
C LEU C 112 -5.76 -20.67 17.27
N ASN C 113 -6.95 -20.90 17.81
CA ASN C 113 -7.18 -22.12 18.57
C ASN C 113 -7.17 -23.34 17.66
N ALA C 114 -7.88 -23.28 16.53
CA ALA C 114 -7.89 -24.39 15.59
C ALA C 114 -6.50 -24.66 15.03
N LEU C 115 -5.67 -23.62 14.92
CA LEU C 115 -4.31 -23.82 14.44
C LEU C 115 -3.45 -24.53 15.48
N ASN C 116 -3.67 -24.22 16.76
CA ASN C 116 -2.95 -24.91 17.82
C ASN C 116 -3.28 -26.41 17.84
N GLU C 117 -4.56 -26.75 17.68
CA GLU C 117 -4.96 -28.16 17.66
C GLU C 117 -4.24 -28.96 16.58
N ARG C 118 -3.69 -28.29 15.57
CA ARG C 118 -2.95 -28.95 14.50
C ARG C 118 -1.45 -28.74 14.59
N GLY C 119 -0.97 -28.07 15.63
CA GLY C 119 0.45 -27.77 15.73
C GLY C 119 0.94 -26.73 14.76
N ILE C 120 0.04 -25.93 14.19
CA ILE C 120 0.43 -24.93 13.19
C ILE C 120 1.19 -23.81 13.87
N ALA C 121 2.30 -23.38 13.26
CA ALA C 121 3.04 -22.22 13.71
C ALA C 121 2.48 -20.96 13.09
N VAL C 122 2.40 -19.90 13.90
CA VAL C 122 1.80 -18.63 13.49
C VAL C 122 2.78 -17.51 13.87
N LEU C 123 3.22 -16.75 12.87
CA LEU C 123 4.23 -15.72 13.06
C LEU C 123 3.72 -14.37 12.56
N GLU C 124 4.21 -13.30 13.18
CA GLU C 124 3.99 -11.93 12.74
C GLU C 124 5.33 -11.23 12.60
N VAL C 125 5.31 -10.03 12.01
CA VAL C 125 6.48 -9.17 12.03
C VAL C 125 6.29 -8.14 13.15
N THR C 126 6.23 -8.64 14.38
CA THR C 126 6.07 -7.82 15.58
C THR C 126 6.97 -6.60 15.56
N GLY C 127 6.39 -5.42 15.78
CA GLY C 127 7.12 -4.19 15.88
C GLY C 127 7.33 -3.44 14.58
N SER C 128 6.91 -4.01 13.44
CA SER C 128 7.14 -3.37 12.15
C SER C 128 6.33 -2.09 11.96
N ASN C 129 5.20 -1.95 12.68
CA ASN C 129 4.32 -0.80 12.48
C ASN C 129 3.97 -0.07 13.77
N VAL C 130 4.68 -0.33 14.87
CA VAL C 130 4.30 0.26 16.15
C VAL C 130 4.34 1.78 16.10
N GLN C 131 5.37 2.34 15.49
CA GLN C 131 5.44 3.80 15.36
C GLN C 131 4.38 4.32 14.38
N SER C 132 4.07 3.55 13.34
CA SER C 132 3.14 4.03 12.31
C SER C 132 1.73 4.14 12.86
N VAL C 133 1.31 3.15 13.65
CA VAL C 133 -0.02 3.19 14.25
C VAL C 133 -0.10 4.29 15.31
N ALA C 134 0.96 4.45 16.10
CA ALA C 134 0.98 5.52 17.10
C ALA C 134 0.84 6.89 16.46
N GLU C 135 1.49 7.10 15.31
CA GLU C 135 1.29 8.35 14.58
C GLU C 135 -0.16 8.50 14.13
N HIS C 136 -0.79 7.40 13.71
CA HIS C 136 -2.16 7.46 13.24
C HIS C 136 -3.12 7.78 14.37
N ALA C 137 -2.88 7.21 15.56
CA ALA C 137 -3.73 7.49 16.71
C ALA C 137 -3.62 8.95 17.14
N ILE C 138 -2.40 9.50 17.14
CA ILE C 138 -2.21 10.89 17.50
C ILE C 138 -2.88 11.80 16.48
N MET C 139 -2.69 11.50 15.19
CA MET C 139 -3.36 12.25 14.13
C MET C 139 -4.88 12.22 14.31
N THR C 140 -5.43 11.05 14.65
CA THR C 140 -6.87 10.93 14.84
C THR C 140 -7.35 11.81 15.99
N MET C 141 -6.67 11.73 17.14
CA MET C 141 -6.96 12.62 18.27
C MET C 141 -7.00 14.07 17.84
N LEU C 142 -5.93 14.54 17.18
CA LEU C 142 -5.85 15.93 16.76
C LEU C 142 -6.99 16.28 15.81
N ILE C 143 -7.38 15.36 14.93
CA ILE C 143 -8.41 15.64 13.95
C ILE C 143 -9.76 15.82 14.63
N LEU C 144 -10.07 14.96 15.60
CA LEU C 144 -11.37 15.01 16.26
C LEU C 144 -11.45 16.18 17.24
N LEU C 145 -10.49 16.26 18.17
CA LEU C 145 -10.46 17.34 19.15
C LEU C 145 -10.51 18.71 18.50
N ARG C 146 -9.69 18.93 17.48
CA ARG C 146 -9.57 20.25 16.86
C ARG C 146 -10.59 20.50 15.75
N ASN C 147 -11.48 19.54 15.49
CA ASN C 147 -12.55 19.69 14.50
C ASN C 147 -11.98 19.99 13.11
N TYR C 148 -11.03 19.17 12.67
CA TYR C 148 -10.47 19.33 11.34
C TYR C 148 -11.52 19.11 10.27
N GLY C 149 -12.46 18.19 10.49
CA GLY C 149 -13.44 17.86 9.48
C GLY C 149 -14.24 19.07 9.01
N GLU C 150 -14.80 19.82 9.96
CA GLU C 150 -15.54 21.02 9.59
C GLU C 150 -14.59 22.14 9.17
N GLY C 151 -13.42 22.23 9.80
CA GLY C 151 -12.44 23.22 9.37
C GLY C 151 -11.98 23.01 7.94
N HIS C 152 -11.79 21.75 7.55
CA HIS C 152 -11.45 21.44 6.17
C HIS C 152 -12.65 21.62 5.26
N ALA C 153 -13.84 21.28 5.74
CA ALA C 153 -15.04 21.41 4.92
C ALA C 153 -15.31 22.87 4.57
N GLN C 154 -15.23 23.76 5.56
CA GLN C 154 -15.44 25.19 5.32
C GLN C 154 -14.52 25.70 4.21
N ALA C 155 -13.24 25.32 4.26
CA ALA C 155 -12.32 25.72 3.21
C ALA C 155 -12.68 25.07 1.88
N THR C 156 -13.16 23.83 1.92
CA THR C 156 -13.43 23.10 0.69
C THR C 156 -14.68 23.62 -0.01
N GLN C 157 -15.75 23.91 0.74
CA GLN C 157 -17.02 24.31 0.14
C GLN C 157 -17.21 25.83 0.13
N GLY C 158 -16.12 26.59 0.08
CA GLY C 158 -16.17 27.98 -0.31
C GLY C 158 -16.64 28.98 0.73
N THR C 159 -16.82 28.58 1.99
CA THR C 159 -17.39 29.47 2.98
C THR C 159 -16.33 29.92 4.00
N TRP C 160 -16.78 30.47 5.12
CA TRP C 160 -15.90 31.01 6.15
C TRP C 160 -16.66 31.15 7.46
N ASP C 161 -17.17 30.04 7.98
CA ASP C 161 -17.98 30.04 9.20
C ASP C 161 -17.09 29.64 10.37
N ILE C 162 -16.34 30.62 10.87
CA ILE C 162 -15.39 30.38 11.96
C ILE C 162 -16.08 29.76 13.16
N ALA C 163 -17.25 30.29 13.52
CA ALA C 163 -17.92 29.85 14.74
C ALA C 163 -18.36 28.40 14.67
N ALA C 164 -18.74 27.92 13.47
CA ALA C 164 -19.14 26.52 13.34
C ALA C 164 -17.98 25.59 13.66
N VAL C 165 -16.76 25.96 13.24
CA VAL C 165 -15.59 25.15 13.56
C VAL C 165 -15.25 25.28 15.04
N ALA C 166 -15.13 26.52 15.54
CA ALA C 166 -14.63 26.75 16.89
C ALA C 166 -15.59 26.23 17.95
N ARG C 167 -16.87 26.13 17.63
CA ARG C 167 -17.86 25.67 18.60
C ARG C 167 -17.57 24.25 19.09
N ASP C 168 -16.81 23.47 18.33
CA ASP C 168 -16.43 22.11 18.69
C ASP C 168 -14.92 21.90 18.56
N GLU C 169 -14.13 22.92 18.83
CA GLU C 169 -12.69 22.90 18.60
C GLU C 169 -11.95 23.08 19.93
N PHE C 170 -11.27 22.03 20.38
CA PHE C 170 -10.54 22.03 21.64
C PHE C 170 -9.07 21.75 21.40
N ASP C 171 -8.24 22.25 22.32
CA ASP C 171 -6.81 21.94 22.32
C ASP C 171 -6.55 20.53 22.84
N MET C 172 -5.39 19.98 22.46
CA MET C 172 -4.90 18.77 23.10
C MET C 172 -4.46 19.06 24.54
N GLU C 173 -3.79 20.19 24.73
CA GLU C 173 -3.34 20.63 26.06
C GLU C 173 -4.45 20.53 27.09
N ASP C 174 -4.08 20.07 28.29
CA ASP C 174 -4.91 20.04 29.48
C ASP C 174 -6.07 19.06 29.38
N ARG C 175 -6.09 18.21 28.36
CA ARG C 175 -7.04 17.12 28.29
C ARG C 175 -6.49 15.88 28.99
N VAL C 176 -7.38 14.98 29.37
CA VAL C 176 -7.01 13.73 30.01
C VAL C 176 -7.09 12.62 28.97
N PHE C 177 -5.97 11.95 28.75
CA PHE C 177 -5.87 10.86 27.78
C PHE C 177 -5.71 9.54 28.52
N ALA C 178 -6.55 8.56 28.16
CA ALA C 178 -6.52 7.24 28.76
C ALA C 178 -6.34 6.20 27.68
N THR C 179 -5.53 5.19 27.95
CA THR C 179 -5.26 4.13 26.99
C THR C 179 -5.60 2.78 27.59
N ILE C 180 -6.37 1.99 26.86
CA ILE C 180 -6.65 0.61 27.25
C ILE C 180 -5.57 -0.24 26.59
N GLY C 181 -4.49 -0.49 27.32
CA GLY C 181 -3.34 -1.18 26.78
C GLY C 181 -2.14 -0.27 26.63
N ALA C 182 -1.06 -0.58 27.35
CA ALA C 182 0.17 0.20 27.32
C ALA C 182 1.31 -0.64 26.73
N GLY C 183 1.02 -1.41 25.69
CA GLY C 183 2.01 -2.18 24.97
C GLY C 183 2.87 -1.31 24.07
N ARG C 184 3.37 -1.92 22.99
CA ARG C 184 4.31 -1.22 22.12
C ARG C 184 3.67 0.00 21.47
N ILE C 185 2.41 -0.11 21.05
CA ILE C 185 1.75 1.02 20.41
C ILE C 185 1.18 1.98 21.45
N GLY C 186 0.45 1.44 22.43
CA GLY C 186 -0.10 2.27 23.49
C GLY C 186 0.93 3.15 24.16
N TYR C 187 2.03 2.54 24.61
CA TYR C 187 3.09 3.32 25.26
C TYR C 187 3.68 4.37 24.32
N ARG C 188 3.82 4.03 23.03
CA ARG C 188 4.32 5.00 22.07
C ARG C 188 3.34 6.14 21.83
N ILE C 189 2.05 5.92 22.09
CA ILE C 189 1.08 7.00 22.03
C ILE C 189 1.27 7.94 23.21
N LEU C 190 1.37 7.37 24.41
CA LEU C 190 1.70 8.15 25.61
C LEU C 190 2.95 9.01 25.39
N GLU C 191 3.99 8.43 24.78
CA GLU C 191 5.24 9.17 24.60
C GLU C 191 5.03 10.42 23.74
N ARG C 192 4.25 10.30 22.67
CA ARG C 192 4.02 11.43 21.77
C ARG C 192 3.00 12.42 22.34
N LEU C 193 2.26 12.04 23.38
CA LEU C 193 1.33 12.95 24.03
C LEU C 193 2.01 13.91 25.00
N ILE C 194 3.15 13.49 25.56
CA ILE C 194 3.79 14.24 26.65
C ILE C 194 4.01 15.69 26.25
N ALA C 195 4.56 15.92 25.05
CA ALA C 195 4.87 17.28 24.63
C ALA C 195 3.63 18.11 24.33
N PHE C 196 2.45 17.50 24.30
CA PHE C 196 1.21 18.25 24.13
C PHE C 196 0.67 18.83 25.43
N ASN C 197 1.38 18.59 26.54
CA ASN C 197 1.02 19.07 27.87
C ASN C 197 -0.35 18.58 28.31
N PRO C 198 -0.55 17.28 28.45
CA PRO C 198 -1.83 16.78 28.94
C PRO C 198 -2.01 17.13 30.42
N LYS C 199 -3.27 17.10 30.86
CA LYS C 199 -3.53 17.25 32.29
C LYS C 199 -3.12 15.98 33.04
N LYS C 200 -3.30 14.82 32.42
CA LYS C 200 -3.02 13.55 33.05
C LYS C 200 -3.06 12.45 31.99
N LEU C 201 -2.24 11.42 32.20
CA LEU C 201 -2.22 10.25 31.34
C LEU C 201 -2.61 9.03 32.17
N LEU C 202 -3.66 8.34 31.74
CA LEU C 202 -4.14 7.13 32.40
C LEU C 202 -3.91 5.92 31.51
N TYR C 203 -3.80 4.76 32.13
CA TYR C 203 -3.66 3.51 31.38
C TYR C 203 -4.32 2.38 32.15
N TYR C 204 -4.74 1.35 31.42
CA TYR C 204 -5.49 0.24 31.97
C TYR C 204 -5.07 -1.04 31.25
N GLN C 205 -4.40 -1.93 31.98
CA GLN C 205 -4.15 -3.28 31.49
C GLN C 205 -4.08 -4.22 32.69
N ARG C 206 -3.84 -5.50 32.41
CA ARG C 206 -3.89 -6.53 33.45
C ARG C 206 -2.65 -6.53 34.32
N ASN C 207 -1.51 -6.06 33.81
CA ASN C 207 -0.29 -5.98 34.58
C ASN C 207 0.18 -4.53 34.67
N PRO C 208 0.81 -4.14 35.77
CA PRO C 208 1.34 -2.77 35.86
C PRO C 208 2.57 -2.60 34.97
N LEU C 209 2.70 -1.39 34.42
CA LEU C 209 3.84 -1.07 33.59
C LEU C 209 5.14 -1.28 34.37
N PRO C 210 6.23 -1.59 33.68
CA PRO C 210 7.55 -1.60 34.33
C PRO C 210 7.87 -0.25 34.93
N GLU C 211 8.88 -0.23 35.81
CA GLU C 211 9.21 0.99 36.53
C GLU C 211 9.90 2.00 35.62
N GLU C 212 10.91 1.56 34.87
CA GLU C 212 11.65 2.46 33.99
C GLU C 212 10.76 3.03 32.88
N ALA C 213 9.62 2.38 32.60
CA ALA C 213 8.66 2.95 31.66
C ALA C 213 7.89 4.10 32.29
N ILE C 214 7.39 3.89 33.51
CA ILE C 214 6.77 4.97 34.26
C ILE C 214 7.75 6.12 34.46
N ASN C 215 9.02 5.80 34.71
CA ASN C 215 10.02 6.85 34.95
C ASN C 215 10.34 7.62 33.68
N LYS C 216 10.30 6.97 32.51
CA LYS C 216 10.59 7.66 31.26
C LYS C 216 9.53 8.71 30.96
N LEU C 217 8.25 8.36 31.14
CA LEU C 217 7.18 9.32 30.90
C LEU C 217 7.24 10.47 31.89
N ASN C 218 7.40 10.16 33.18
CA ASN C 218 7.51 11.20 34.19
C ASN C 218 8.70 12.10 33.94
N ALA C 219 9.84 11.52 33.54
CA ALA C 219 10.99 12.34 33.20
C ALA C 219 10.70 13.24 32.00
N ALA C 220 10.04 12.69 30.99
CA ALA C 220 9.67 13.50 29.82
C ALA C 220 8.67 14.61 30.19
N SER C 221 7.64 14.27 30.97
CA SER C 221 6.69 15.27 31.42
C SER C 221 7.39 16.37 32.22
N LYS C 222 8.26 15.95 33.14
CA LYS C 222 9.01 16.84 34.00
C LYS C 222 9.94 17.70 33.17
N LEU C 223 10.57 17.11 32.13
CA LEU C 223 11.46 17.86 31.26
C LEU C 223 10.68 18.87 30.42
N PHE C 224 9.67 18.38 29.70
CA PHE C 224 8.93 19.23 28.76
C PHE C 224 8.09 20.27 29.49
N ASN C 225 7.30 19.85 30.46
CA ASN C 225 6.24 20.67 31.03
C ASN C 225 6.51 21.07 32.47
N GLY C 226 7.59 20.59 33.08
CA GLY C 226 7.80 20.83 34.49
C GLY C 226 6.79 20.17 35.40
N VAL C 227 6.10 19.16 34.89
CA VAL C 227 5.06 18.45 35.64
C VAL C 227 5.56 17.04 35.94
N ASP C 228 5.14 16.51 37.07
CA ASP C 228 5.57 15.18 37.51
C ASP C 228 4.38 14.27 37.79
N ASN C 229 4.69 12.97 37.78
CA ASN C 229 3.71 11.92 38.06
C ASN C 229 2.51 12.06 37.12
N ILE C 230 2.79 12.17 35.83
CA ILE C 230 1.74 12.38 34.85
C ILE C 230 1.01 11.10 34.49
N ILE C 231 1.64 9.94 34.68
CA ILE C 231 1.03 8.67 34.34
C ILE C 231 0.45 8.06 35.62
N GLU C 232 -0.65 7.32 35.46
CA GLU C 232 -1.36 6.74 36.59
C GLU C 232 -2.18 5.56 36.09
N ARG C 233 -2.11 4.44 36.80
CA ARG C 233 -2.85 3.25 36.43
C ARG C 233 -4.23 3.27 37.09
N VAL C 234 -5.27 3.11 36.27
CA VAL C 234 -6.63 2.90 36.75
C VAL C 234 -6.95 1.42 36.55
N GLU C 235 -7.61 0.82 37.55
CA GLU C 235 -7.85 -0.62 37.53
C GLU C 235 -9.28 -1.01 37.22
N ASN C 236 -10.23 -0.08 37.37
CA ASN C 236 -11.61 -0.33 36.94
C ASN C 236 -11.81 0.30 35.58
N LEU C 237 -12.42 -0.47 34.67
CA LEU C 237 -12.58 0.01 33.29
C LEU C 237 -13.55 1.19 33.22
N GLU C 238 -14.68 1.09 33.93
CA GLU C 238 -15.62 2.21 33.99
C GLU C 238 -14.96 3.45 34.59
N ASP C 239 -14.09 3.25 35.59
CA ASP C 239 -13.39 4.38 36.21
C ASP C 239 -12.44 5.06 35.24
N LEU C 240 -11.84 4.29 34.32
CA LEU C 240 -10.90 4.88 33.37
C LEU C 240 -11.62 5.77 32.36
N VAL C 241 -12.73 5.28 31.80
CA VAL C 241 -13.42 6.03 30.75
C VAL C 241 -14.27 7.16 31.32
N SER C 242 -14.62 7.10 32.60
CA SER C 242 -15.34 8.21 33.22
C SER C 242 -14.47 9.45 33.32
N GLN C 243 -13.20 9.27 33.69
CA GLN C 243 -12.31 10.40 33.97
C GLN C 243 -11.72 11.01 32.71
N ALA C 244 -11.77 10.31 31.58
CA ALA C 244 -10.98 10.69 30.41
C ALA C 244 -11.77 11.56 29.45
N ASP C 245 -11.04 12.41 28.73
CA ASP C 245 -11.58 13.09 27.55
C ASP C 245 -11.32 12.28 26.29
N VAL C 246 -10.23 11.53 26.24
CA VAL C 246 -9.83 10.75 25.08
C VAL C 246 -9.38 9.39 25.56
N VAL C 247 -10.02 8.32 25.07
CA VAL C 247 -9.60 6.96 25.37
C VAL C 247 -9.19 6.30 24.06
N THR C 248 -8.00 5.69 24.05
CA THR C 248 -7.50 4.92 22.91
C THR C 248 -7.59 3.43 23.23
N LEU C 249 -7.91 2.64 22.22
CA LEU C 249 -7.87 1.19 22.33
C LEU C 249 -6.57 0.69 21.70
N ASN C 250 -5.76 0.00 22.50
CA ASN C 250 -4.46 -0.48 22.05
C ASN C 250 -4.17 -1.83 22.71
N CYS C 251 -5.14 -2.73 22.63
CA CYS C 251 -5.07 -4.08 23.17
C CYS C 251 -5.61 -5.01 22.12
N PRO C 252 -5.45 -6.33 22.29
CA PRO C 252 -5.88 -7.26 21.23
C PRO C 252 -7.20 -7.95 21.51
N LEU C 253 -7.71 -8.67 20.49
CA LEU C 253 -9.01 -9.32 20.58
C LEU C 253 -8.94 -10.56 21.47
N TYR C 254 -8.69 -10.35 22.76
CA TYR C 254 -8.54 -11.45 23.72
C TYR C 254 -9.87 -12.05 24.15
N GLU C 255 -10.71 -12.43 23.18
CA GLU C 255 -11.92 -13.22 23.45
C GLU C 255 -12.92 -12.49 24.34
N LYS C 256 -12.64 -12.43 25.65
CA LYS C 256 -13.51 -11.67 26.53
C LYS C 256 -13.35 -10.18 26.35
N SER C 257 -12.33 -9.76 25.61
CA SER C 257 -12.26 -8.40 25.13
C SER C 257 -13.19 -8.12 23.95
N LYS C 258 -13.95 -9.10 23.43
CA LYS C 258 -14.87 -8.74 22.36
C LYS C 258 -16.03 -7.91 22.84
N GLY C 259 -16.31 -6.85 22.09
CA GLY C 259 -17.46 -6.03 22.40
C GLY C 259 -17.40 -5.42 23.77
N MET C 260 -16.20 -5.28 24.31
CA MET C 260 -16.08 -4.70 25.64
C MET C 260 -16.56 -3.27 25.63
N PHE C 261 -16.23 -2.52 24.58
CA PHE C 261 -16.67 -1.14 24.44
C PHE C 261 -18.10 -1.16 23.91
N ASN C 262 -19.03 -1.41 24.82
CA ASN C 262 -20.43 -1.62 24.48
C ASN C 262 -21.26 -0.40 24.88
N LYS C 263 -22.58 -0.53 24.71
CA LYS C 263 -23.51 0.56 25.01
C LYS C 263 -23.32 1.10 26.43
N GLU C 264 -23.18 0.21 27.41
CA GLU C 264 -23.06 0.65 28.80
C GLU C 264 -21.75 1.42 29.03
N LEU C 265 -20.63 0.86 28.59
CA LEU C 265 -19.34 1.51 28.83
C LEU C 265 -19.26 2.87 28.15
N ILE C 266 -19.80 2.98 26.94
CA ILE C 266 -19.85 4.27 26.26
C ILE C 266 -20.65 5.28 27.08
N SER C 267 -21.77 4.82 27.66
CA SER C 267 -22.64 5.72 28.43
C SER C 267 -21.92 6.31 29.63
N LYS C 268 -20.91 5.63 30.17
CA LYS C 268 -20.18 6.11 31.33
C LYS C 268 -19.17 7.20 30.99
N MET C 269 -18.96 7.49 29.71
CA MET C 269 -18.06 8.55 29.32
C MET C 269 -18.78 9.90 29.34
N LYS C 270 -18.01 10.96 29.52
CA LYS C 270 -18.58 12.30 29.47
C LYS C 270 -19.13 12.59 28.09
N LYS C 271 -20.24 13.32 28.04
CA LYS C 271 -20.77 13.76 26.75
C LYS C 271 -19.75 14.64 26.05
N GLY C 272 -19.53 14.38 24.77
CA GLY C 272 -18.52 15.11 24.03
C GLY C 272 -17.12 14.56 24.17
N SER C 273 -16.98 13.31 24.64
CA SER C 273 -15.67 12.66 24.74
C SER C 273 -15.26 12.11 23.38
N TYR C 274 -14.09 11.47 23.34
CA TYR C 274 -13.49 11.00 22.10
C TYR C 274 -13.00 9.56 22.28
N VAL C 275 -13.20 8.75 21.24
CA VAL C 275 -12.78 7.36 21.23
C VAL C 275 -11.90 7.13 20.00
N ILE C 276 -10.66 6.71 20.22
CA ILE C 276 -9.75 6.34 19.15
C ILE C 276 -9.56 4.83 19.22
N ASN C 277 -9.55 4.18 18.05
CA ASN C 277 -9.39 2.73 18.00
C ASN C 277 -8.62 2.38 16.73
N THR C 278 -7.29 2.36 16.84
CA THR C 278 -6.43 1.80 15.83
C THR C 278 -6.05 0.36 16.12
N ALA C 279 -6.75 -0.29 17.06
CA ALA C 279 -6.42 -1.64 17.48
C ALA C 279 -7.20 -2.67 16.67
N ARG C 280 -8.38 -3.05 17.14
CA ARG C 280 -9.25 -3.98 16.42
C ARG C 280 -10.68 -3.48 16.50
N GLY C 281 -11.34 -3.42 15.34
CA GLY C 281 -12.72 -2.96 15.30
C GLY C 281 -13.64 -3.75 16.22
N ALA C 282 -13.41 -5.06 16.32
CA ALA C 282 -14.30 -5.92 17.09
C ALA C 282 -14.16 -5.71 18.59
N LEU C 283 -13.21 -4.89 19.05
CA LEU C 283 -13.16 -4.54 20.46
C LEU C 283 -14.43 -3.79 20.88
N THR C 284 -15.09 -3.12 19.94
CA THR C 284 -16.28 -2.35 20.20
C THR C 284 -17.54 -3.14 19.87
N ASP C 285 -18.66 -2.67 20.42
CA ASP C 285 -19.98 -2.96 19.90
C ASP C 285 -20.19 -1.99 18.74
N PRO C 286 -20.02 -2.44 17.49
CA PRO C 286 -19.93 -1.47 16.38
C PRO C 286 -21.17 -0.60 16.22
N GLN C 287 -22.36 -1.17 16.42
CA GLN C 287 -23.57 -0.37 16.30
C GLN C 287 -23.73 0.58 17.49
N ALA C 288 -23.23 0.18 18.67
CA ALA C 288 -23.27 1.07 19.82
C ALA C 288 -22.36 2.28 19.60
N ILE C 289 -21.23 2.08 18.93
CA ILE C 289 -20.37 3.21 18.56
C ILE C 289 -21.11 4.15 17.63
N ALA C 290 -21.72 3.61 16.59
CA ALA C 290 -22.45 4.43 15.62
C ALA C 290 -23.58 5.20 16.29
N ASP C 291 -24.36 4.53 17.14
CA ASP C 291 -25.43 5.20 17.88
C ASP C 291 -24.89 6.37 18.70
N ALA C 292 -23.77 6.15 19.38
CA ALA C 292 -23.22 7.18 20.28
C ALA C 292 -22.55 8.31 19.53
N VAL C 293 -22.06 8.06 18.32
CA VAL C 293 -21.54 9.16 17.50
C VAL C 293 -22.70 9.97 16.92
N ASN C 294 -23.73 9.29 16.40
CA ASN C 294 -24.83 9.98 15.77
C ASN C 294 -25.65 10.77 16.78
N SER C 295 -25.64 10.36 18.06
CA SER C 295 -26.28 11.12 19.12
C SER C 295 -25.42 12.26 19.63
N GLY C 296 -24.14 12.29 19.29
CA GLY C 296 -23.24 13.33 19.76
C GLY C 296 -22.59 13.06 21.10
N HIS C 297 -22.86 11.91 21.71
CA HIS C 297 -22.23 11.62 23.01
C HIS C 297 -20.73 11.48 22.88
N ILE C 298 -20.23 10.94 21.76
CA ILE C 298 -18.80 10.80 21.52
C ILE C 298 -18.49 11.11 20.06
N ALA C 299 -17.22 11.35 19.80
CA ALA C 299 -16.64 11.30 18.47
C ALA C 299 -15.75 10.07 18.36
N TYR C 300 -15.61 9.55 17.15
CA TYR C 300 -14.92 8.28 16.97
C TYR C 300 -14.02 8.35 15.75
N GLY C 301 -12.85 7.71 15.87
CA GLY C 301 -11.89 7.68 14.78
C GLY C 301 -10.99 6.48 14.91
N GLY C 302 -10.44 6.05 13.78
CA GLY C 302 -9.64 4.86 13.72
C GLY C 302 -9.63 4.30 12.32
N ASP C 303 -8.85 3.24 12.14
CA ASP C 303 -8.70 2.63 10.83
C ASP C 303 -9.04 1.13 10.79
N VAL C 304 -9.34 0.50 11.92
CA VAL C 304 -9.64 -0.92 11.94
C VAL C 304 -11.15 -1.10 12.03
N TRP C 305 -11.65 -2.12 11.35
CA TRP C 305 -13.08 -2.40 11.23
C TRP C 305 -13.34 -3.84 11.62
N PRO C 306 -14.59 -4.17 12.00
CA PRO C 306 -14.88 -5.55 12.40
C PRO C 306 -14.75 -6.55 11.26
N VAL C 307 -15.04 -6.14 10.03
CA VAL C 307 -14.96 -7.00 8.85
C VAL C 307 -14.25 -6.21 7.76
N GLN C 308 -13.19 -6.81 7.20
CA GLN C 308 -12.37 -6.12 6.23
C GLN C 308 -12.26 -6.95 4.95
N PRO C 309 -12.60 -6.38 3.78
CA PRO C 309 -12.99 -4.97 3.56
C PRO C 309 -14.35 -4.66 4.16
N ALA C 310 -14.57 -3.41 4.57
CA ALA C 310 -15.80 -3.09 5.27
C ALA C 310 -16.96 -3.03 4.29
N PRO C 311 -18.14 -3.52 4.68
CA PRO C 311 -19.31 -3.43 3.79
C PRO C 311 -19.58 -2.00 3.38
N LYS C 312 -20.19 -1.85 2.20
CA LYS C 312 -20.55 -0.52 1.71
C LYS C 312 -21.48 0.19 2.69
N ASP C 313 -22.42 -0.54 3.27
CA ASP C 313 -23.43 0.02 4.17
C ASP C 313 -22.97 0.07 5.63
N MET C 314 -21.69 -0.14 5.92
CA MET C 314 -21.24 -0.22 7.29
C MET C 314 -21.50 1.11 8.01
N PRO C 315 -22.16 1.10 9.17
CA PRO C 315 -22.60 2.37 9.78
C PRO C 315 -21.47 3.33 10.11
N TRP C 316 -20.24 2.84 10.29
CA TRP C 316 -19.14 3.75 10.62
C TRP C 316 -18.77 4.65 9.45
N ARG C 317 -19.15 4.28 8.22
CA ARG C 317 -18.82 5.09 7.06
C ARG C 317 -19.65 6.37 6.98
N THR C 318 -20.75 6.46 7.71
CA THR C 318 -21.62 7.62 7.65
C THR C 318 -21.95 8.19 9.04
N MET C 319 -21.35 7.65 10.09
CA MET C 319 -21.39 8.28 11.41
C MET C 319 -21.06 9.77 11.32
N HIS C 320 -21.79 10.57 12.08
CA HIS C 320 -21.37 11.95 12.34
C HIS C 320 -22.19 12.51 13.49
N ASN C 321 -21.60 13.50 14.17
CA ASN C 321 -22.29 14.21 15.23
C ASN C 321 -23.45 15.02 14.66
N PRO C 322 -24.47 15.32 15.48
CA PRO C 322 -25.60 16.13 15.00
C PRO C 322 -25.21 17.44 14.37
N TYR C 323 -24.09 18.05 14.79
CA TYR C 323 -23.69 19.35 14.27
C TYR C 323 -23.48 19.34 12.76
N GLY C 324 -23.30 18.18 12.16
CA GLY C 324 -23.05 18.12 10.73
C GLY C 324 -22.31 16.86 10.33
N LYS C 325 -22.32 16.59 9.04
CA LYS C 325 -21.65 15.42 8.49
C LYS C 325 -20.16 15.34 8.72
N ASP C 326 -19.54 16.49 8.82
CA ASP C 326 -18.10 16.51 9.03
C ASP C 326 -17.71 16.77 10.49
N TYR C 327 -18.60 16.45 11.43
CA TYR C 327 -18.32 16.55 12.85
C TYR C 327 -18.25 15.14 13.44
N GLY C 328 -17.11 14.83 14.06
CA GLY C 328 -17.02 13.68 14.94
C GLY C 328 -16.70 12.34 14.30
N ASN C 329 -16.40 12.30 13.00
CA ASN C 329 -16.03 11.06 12.32
C ASN C 329 -14.66 11.26 11.69
N ALA C 330 -13.67 10.49 12.16
CA ALA C 330 -12.34 10.46 11.57
C ALA C 330 -11.94 9.03 11.20
N MET C 331 -12.87 8.30 10.57
CA MET C 331 -12.57 6.97 10.10
C MET C 331 -11.64 7.02 8.89
N THR C 332 -10.74 6.02 8.81
CA THR C 332 -10.06 5.71 7.56
C THR C 332 -10.12 4.21 7.31
N VAL C 333 -10.05 3.84 6.04
CA VAL C 333 -9.75 2.47 5.67
C VAL C 333 -8.41 2.04 6.29
N HIS C 334 -8.26 0.73 6.50
CA HIS C 334 -7.16 0.19 7.30
C HIS C 334 -5.84 0.40 6.57
N VAL C 335 -5.10 1.43 6.96
CA VAL C 335 -3.90 1.83 6.24
C VAL C 335 -2.70 2.11 7.13
N SER C 336 -2.88 2.34 8.44
CA SER C 336 -1.78 2.87 9.26
C SER C 336 -0.57 1.95 9.24
N GLY C 337 -0.78 0.66 9.45
CA GLY C 337 0.30 -0.30 9.43
C GLY C 337 0.93 -0.57 8.08
N THR C 338 0.41 0.02 7.00
CA THR C 338 0.88 -0.29 5.65
C THR C 338 1.37 0.96 4.91
N SER C 339 1.89 1.95 5.64
CA SER C 339 2.64 3.01 5.00
C SER C 339 3.87 2.41 4.31
N LEU C 340 4.39 3.15 3.32
CA LEU C 340 5.52 2.66 2.54
C LEU C 340 6.70 2.31 3.45
N ASP C 341 6.95 3.11 4.47
CA ASP C 341 8.02 2.80 5.41
C ASP C 341 7.72 1.52 6.17
N ALA C 342 6.47 1.31 6.56
CA ALA C 342 6.10 0.08 7.26
C ALA C 342 6.16 -1.13 6.34
N GLN C 343 5.73 -0.98 5.08
CA GLN C 343 5.73 -2.11 4.16
C GLN C 343 7.13 -2.65 3.95
N ALA C 344 8.12 -1.77 3.85
CA ALA C 344 9.50 -2.21 3.74
C ALA C 344 9.93 -3.02 4.95
N ARG C 345 9.47 -2.62 6.14
CA ARG C 345 9.85 -3.33 7.37
C ARG C 345 9.26 -4.73 7.41
N TYR C 346 7.95 -4.87 7.21
CA TYR C 346 7.35 -6.18 7.39
C TYR C 346 7.48 -7.08 6.17
N ALA C 347 7.86 -6.54 5.00
CA ALA C 347 8.24 -7.41 3.89
C ALA C 347 9.58 -8.07 4.16
N ASN C 348 10.55 -7.29 4.64
CA ASN C 348 11.81 -7.86 5.10
C ASN C 348 11.57 -8.84 6.26
N GLY C 349 10.58 -8.53 7.11
CA GLY C 349 10.28 -9.43 8.21
C GLY C 349 9.71 -10.76 7.75
N VAL C 350 8.81 -10.74 6.77
CA VAL C 350 8.28 -12.00 6.25
C VAL C 350 9.38 -12.79 5.55
N LYS C 351 10.35 -12.10 4.94
CA LYS C 351 11.44 -12.80 4.25
C LYS C 351 12.31 -13.57 5.23
N GLN C 352 12.60 -12.97 6.39
CA GLN C 352 13.44 -13.65 7.38
C GLN C 352 12.72 -14.85 7.98
N ILE C 353 11.40 -14.74 8.22
CA ILE C 353 10.65 -15.86 8.76
C ILE C 353 10.66 -17.03 7.80
N LEU C 354 10.53 -16.75 6.50
CA LEU C 354 10.54 -17.82 5.51
C LEU C 354 11.94 -18.41 5.36
N THR C 355 12.97 -17.58 5.40
CA THR C 355 14.34 -18.07 5.35
C THR C 355 14.61 -19.06 6.48
N GLU C 356 14.29 -18.67 7.72
CA GLU C 356 14.45 -19.57 8.85
C GLU C 356 13.71 -20.88 8.64
N TYR C 357 12.52 -20.81 8.03
CA TYR C 357 11.71 -22.01 7.84
C TYR C 357 12.29 -22.88 6.71
N PHE C 358 12.64 -22.27 5.58
CA PHE C 358 13.13 -23.03 4.44
C PHE C 358 14.46 -23.71 4.76
N ASP C 359 15.39 -22.97 5.37
CA ASP C 359 16.66 -23.56 5.80
C ASP C 359 16.50 -24.53 6.95
N LYS C 360 15.29 -24.71 7.46
CA LYS C 360 15.00 -25.64 8.56
C LYS C 360 15.87 -25.37 9.78
N THR C 361 16.19 -24.11 10.01
CA THR C 361 16.85 -23.68 11.24
C THR C 361 15.86 -23.13 12.27
N TYR C 362 14.84 -22.41 11.81
CA TYR C 362 13.72 -21.97 12.66
C TYR C 362 14.17 -21.06 13.78
N LYS C 363 15.19 -20.23 13.52
CA LYS C 363 15.62 -19.24 14.51
C LYS C 363 14.81 -17.95 14.36
N TYR C 364 13.50 -18.09 14.58
CA TYR C 364 12.62 -16.95 14.56
C TYR C 364 12.92 -16.02 15.74
N ARG C 365 12.70 -14.74 15.51
CA ARG C 365 12.66 -13.79 16.62
C ARG C 365 11.51 -14.18 17.55
N PRO C 366 11.76 -14.43 18.83
CA PRO C 366 10.68 -14.92 19.71
C PRO C 366 9.51 -13.97 19.84
N GLN C 367 9.74 -12.66 19.70
CA GLN C 367 8.62 -11.72 19.75
C GLN C 367 7.72 -11.85 18.52
N ASP C 368 8.22 -12.45 17.45
CA ASP C 368 7.43 -12.66 16.24
C ASP C 368 6.48 -13.86 16.35
N VAL C 369 6.66 -14.72 17.35
CA VAL C 369 5.93 -15.96 17.43
C VAL C 369 4.60 -15.72 18.16
N ILE C 370 3.51 -16.09 17.51
CA ILE C 370 2.17 -15.99 18.09
C ILE C 370 1.69 -17.35 18.58
N CYS C 371 1.86 -18.38 17.76
CA CYS C 371 1.61 -19.76 18.17
C CYS C 371 2.72 -20.63 17.63
N ILE C 372 3.02 -21.71 18.36
CA ILE C 372 4.03 -22.68 17.96
C ILE C 372 3.89 -23.92 18.82
N ASP C 373 4.13 -25.08 18.22
CA ASP C 373 4.17 -26.36 18.94
C ASP C 373 2.86 -26.64 19.69
N GLY C 374 1.75 -26.12 19.17
CA GLY C 374 0.45 -26.40 19.73
C GLY C 374 -0.02 -25.49 20.84
N HIS C 375 0.71 -24.42 21.15
CA HIS C 375 0.35 -23.54 22.25
C HIS C 375 0.54 -22.09 21.82
N TYR C 376 -0.16 -21.19 22.50
CA TYR C 376 0.12 -19.77 22.36
C TYR C 376 1.52 -19.48 22.86
N ALA C 377 2.16 -18.46 22.28
CA ALA C 377 3.51 -18.10 22.64
C ALA C 377 3.61 -16.61 22.97
N THR C 378 2.50 -16.01 23.40
CA THR C 378 2.46 -14.58 23.63
C THR C 378 1.21 -14.26 24.45
N THR C 379 1.24 -13.08 25.07
CA THR C 379 0.08 -12.54 25.77
C THR C 379 -0.83 -11.73 24.86
N SER C 380 -0.39 -11.43 23.64
CA SER C 380 -1.15 -10.62 22.69
C SER C 380 -2.31 -11.36 22.06
N TYR C 381 -2.52 -12.64 22.35
CA TYR C 381 -3.65 -13.38 21.80
C TYR C 381 -4.00 -14.52 22.74
N GLY C 382 -5.25 -14.99 22.64
CA GLY C 382 -5.74 -16.05 23.49
C GLY C 382 -7.23 -16.25 23.47
PA NAP D . 5.97 -28.67 -15.85
O1A NAP D . 4.63 -29.25 -15.43
O2A NAP D . 6.32 -27.25 -15.48
O5B NAP D . 7.12 -29.64 -15.28
C5B NAP D . 8.48 -29.35 -15.56
C4B NAP D . 9.43 -30.13 -14.65
O4B NAP D . 10.77 -30.05 -15.15
C3B NAP D . 9.45 -29.55 -13.24
O3B NAP D . 9.17 -30.57 -12.28
C2B NAP D . 10.85 -29.01 -13.05
O2B NAP D . 11.30 -29.30 -11.72
C1B NAP D . 11.68 -29.76 -14.09
N9A NAP D . 12.80 -28.95 -14.62
C8A NAP D . 12.77 -27.63 -14.87
N7A NAP D . 13.95 -27.19 -15.36
C5A NAP D . 14.78 -28.24 -15.42
C6A NAP D . 16.18 -28.48 -15.85
N6A NAP D . 16.96 -27.47 -16.31
N1A NAP D . 16.66 -29.74 -15.74
C2A NAP D . 15.90 -30.76 -15.29
N3A NAP D . 14.62 -30.61 -14.89
C4A NAP D . 14.01 -29.41 -14.93
O3 NAP D . 6.10 -28.83 -17.45
PN NAP D . 5.05 -29.67 -18.34
O1N NAP D . 3.91 -28.73 -18.68
O2N NAP D . 4.77 -31.00 -17.68
O5D NAP D . 5.88 -29.89 -19.69
C5D NAP D . 7.09 -29.14 -19.79
C4D NAP D . 7.49 -28.96 -21.24
O4D NAP D . 6.83 -29.85 -22.15
C3D NAP D . 7.17 -27.55 -21.68
O3D NAP D . 8.30 -26.71 -21.46
C2D NAP D . 6.92 -27.70 -23.15
O2D NAP D . 8.13 -27.30 -23.77
C1D NAP D . 6.65 -29.17 -23.41
N1N NAP D . 5.30 -29.41 -23.94
C2N NAP D . 5.19 -30.02 -25.13
C3N NAP D . 3.95 -30.26 -25.70
C7N NAP D . 3.85 -30.96 -27.02
O7N NAP D . 2.84 -30.83 -27.69
N7N NAP D . 4.87 -31.71 -27.43
C4N NAP D . 2.80 -29.85 -25.03
C5N NAP D . 2.96 -29.22 -23.80
C6N NAP D . 4.22 -29.00 -23.28
P2B NAP D . 12.37 -28.37 -10.96
O1X NAP D . 12.40 -28.91 -9.56
O2X NAP D . 13.65 -28.56 -11.73
O3X NAP D . 11.80 -26.97 -11.09
PA NAP E . 7.02 34.93 17.73
O1A NAP E . 6.91 34.25 19.07
O2A NAP E . 7.25 36.42 17.68
O5B NAP E . 8.19 34.22 16.90
C5B NAP E . 8.54 34.61 15.58
C4B NAP E . 9.87 33.96 15.26
O4B NAP E . 10.13 34.06 13.86
C3B NAP E . 11.01 34.64 16.00
O3B NAP E . 11.78 33.67 16.72
C2B NAP E . 11.86 35.28 14.92
O2B NAP E . 13.24 35.12 15.23
C1B NAP E . 11.48 34.49 13.67
N9A NAP E . 11.55 35.33 12.44
C8A NAP E . 11.24 36.63 12.34
N7A NAP E . 11.42 37.08 11.08
C5A NAP E . 11.86 36.03 10.34
C6A NAP E . 12.25 35.82 8.92
N6A NAP E . 12.20 36.82 8.02
N1A NAP E . 12.66 34.58 8.57
C2A NAP E . 12.71 33.57 9.46
N3A NAP E . 12.37 33.70 10.75
C4A NAP E . 11.96 34.89 11.25
O3 NAP E . 5.71 34.59 16.87
PN NAP E . 4.74 33.37 17.27
O1N NAP E . 3.88 33.75 18.44
O2N NAP E . 5.60 32.12 17.33
O5D NAP E . 3.83 33.25 15.95
C5D NAP E . 4.37 33.66 14.69
C4D NAP E . 3.28 33.98 13.68
O4D NAP E . 2.25 32.98 13.64
C3D NAP E . 2.57 35.30 13.95
O3D NAP E . 3.23 36.38 13.28
C2D NAP E . 1.18 35.11 13.39
O2D NAP E . 1.11 35.69 12.08
C1D NAP E . 1.00 33.60 13.30
N1N NAP E . -0.11 33.17 14.15
C2N NAP E . -1.07 32.40 13.63
C3N NAP E . -2.13 31.96 14.41
C7N NAP E . -3.21 31.10 13.82
O7N NAP E . -4.30 31.04 14.35
N7N NAP E . -2.94 30.42 12.71
C4N NAP E . -2.19 32.32 15.75
C5N NAP E . -1.18 33.11 16.27
C6N NAP E . -0.12 33.50 15.45
P2B NAP E . 14.31 36.21 14.72
O1X NAP E . 14.40 35.96 13.24
O2X NAP E . 15.56 35.90 15.49
O3X NAP E . 13.66 37.54 15.07
PA NAP F . 1.54 -5.40 22.22
O1A NAP F . 2.87 -4.71 22.02
O2A NAP F . 1.45 -6.89 22.35
O5B NAP F . 0.79 -4.72 23.48
C5B NAP F . -0.52 -5.12 23.84
C4B NAP F . -0.79 -4.54 25.22
O4B NAP F . -2.19 -4.60 25.53
C3B NAP F . -0.05 -5.33 26.28
O3B NAP F . 0.75 -4.44 27.08
C2B NAP F . -1.13 -5.96 27.14
O2B NAP F . -0.75 -5.91 28.51
C1B NAP F . -2.35 -5.09 26.86
N9A NAP F . -3.62 -5.85 26.96
C8A NAP F . -3.83 -7.13 26.59
N7A NAP F . -5.11 -7.51 26.83
C5A NAP F . -5.75 -6.46 27.36
C6A NAP F . -7.12 -6.17 27.86
N6A NAP F . -8.09 -7.11 27.81
N1A NAP F . -7.37 -4.94 28.35
C2A NAP F . -6.41 -3.98 28.40
N3A NAP F . -5.15 -4.18 27.97
C4A NAP F . -4.76 -5.37 27.46
O3 NAP F . 0.51 -4.90 21.09
PN NAP F . 0.72 -3.64 20.12
O1N NAP F . 1.58 -4.04 18.95
O2N NAP F . 1.06 -2.43 20.95
O5D NAP F . -0.80 -3.53 19.63
C5D NAP F . -1.50 -4.76 19.43
C4D NAP F . -2.74 -4.59 18.56
O4D NAP F . -2.70 -3.44 17.71
C3D NAP F . -2.94 -5.79 17.65
O3D NAP F . -3.76 -6.76 18.29
C2D NAP F . -3.64 -5.20 16.45
O2D NAP F . -5.05 -5.46 16.55
C1D NAP F . -3.39 -3.70 16.49
N1N NAP F . -2.61 -3.29 15.33
C2N NAP F . -3.14 -2.42 14.46
C3N NAP F . -2.42 -2.02 13.33
C7N NAP F . -3.02 -1.05 12.35
O7N NAP F . -2.57 -1.01 11.22
N7N NAP F . -4.00 -0.26 12.75
C4N NAP F . -1.16 -2.54 13.12
C5N NAP F . -0.63 -3.44 14.04
C6N NAP F . -1.39 -3.81 15.14
P2B NAP F . -1.27 -7.01 29.54
O1X NAP F . -0.93 -8.33 28.88
O2X NAP F . -0.48 -6.73 30.80
O3X NAP F . -2.75 -6.74 29.66
#